data_9J4U
#
_entry.id   9J4U
#
_cell.length_a   54.757
_cell.length_b   148.273
_cell.length_c   64.210
_cell.angle_alpha   90.00
_cell.angle_beta   109.15
_cell.angle_gamma   90.00
#
_symmetry.space_group_name_H-M   'P 1 21 1'
#
loop_
_entity.id
_entity.type
_entity.pdbx_description
1 polymer 'MHC class I antigen'
2 polymer Beta-2-microglobulin
3 polymer 'LLL epitope specific TCR APHLA'
4 polymer 'LLL epitope specific TCR BETA'
5 polymer Nucleoprotein
6 water water
#
loop_
_entity_poly.entity_id
_entity_poly.type
_entity_poly.pdbx_seq_one_letter_code
_entity_poly.pdbx_strand_id
1 'polypeptide(L)'
;MGSHSMRYFFTSVSRPGRGEPRFIAVGYVDDTQFVRFDSDAASQRMEPRAPWIEQEGPEYWDGETRKVKAHSQTHRVDLG
TLRGYYNQSEAGSHTVQRMYGCDVGSDWRFLRGYHQYAYDGKDYIALKEDLRSWTAADMAAQTTKHKWEAAHVAEQLRAY
LEGTCVEWLRRYLENGKETLQRTDAPKTHMTHHAVSDHEATLRCWALSFYPAEITLTWQRDGEDQTQDTELVETRPAGDG
TFQKWAAVVVPSGQEQRYTCHVQHEGLPKPLTLRWE
;
A
2 'polypeptide(L)'
;MIQRTPKIQVYSRHPAENGKSNFLNCYVSGFHPSDIEVDLLKNGERIEKVEHSDLSFSKDWSFYLLYYTEFTPTEKDEYA
CRVNHVTLSQPKIVKWDRDM
;
B
3 'polypeptide(L)'
;MRKEVEQDPGPFNVPEGATVAFNCTYSNSASQSFFWYRQDCRKEPKLLMSVYSSGNEDGRFTAHVNRASQYISLLIRDSK
LSDSATYLCVQGAAGNKLTFGGGTRVLVKPNIQNPDPAVYQLRDSKSSDKSVCLFTDFDSQTNVSQSKDSDVYITDKCVL
DMRSMDFKSNSAVAWSNKSDFACANAFNNSIIPEDTFFPSPESS
;
D
4 'polypeptide(L)'
;MDSGVTQTPKHLITATGQRVTLRCSPRSGDLSVYWYQQSLDQGLQFLIQYYNGEERAKGNILERFSAQQFPDLHSELNLS
SLELGDSALYFCASSVELNSYEQYFGPGTRLTVLEDLKNVFPPEVAVFEPSEAEISHTQKATLVCLATGFYPDHVELSWW
VNGKEVHSGVCTDPQPLKEQPALNDSRYALSSRLRVSATFWQNPRNHFRCQVQFYGLSENDEWTQDRAKPVTQIVSAEAW
GRAD
;
E
5 'polypeptide(L)' LLLDRLNQL C
#
# COMPACT_ATOMS: atom_id res chain seq x y z
N GLY A 2 33.85 -7.68 3.74
CA GLY A 2 32.96 -8.00 4.85
C GLY A 2 31.52 -8.09 4.42
N SER A 3 30.77 -9.01 5.04
CA SER A 3 29.33 -9.11 4.85
C SER A 3 28.60 -8.14 5.78
N HIS A 4 27.32 -7.87 5.50
CA HIS A 4 26.63 -6.82 6.23
C HIS A 4 25.16 -7.16 6.44
N SER A 5 24.52 -6.45 7.36
CA SER A 5 23.13 -6.71 7.70
C SER A 5 22.40 -5.43 8.06
N MET A 6 21.12 -5.42 7.77
CA MET A 6 20.21 -4.43 8.30
C MET A 6 19.12 -5.16 9.08
N ARG A 7 18.80 -4.67 10.27
CA ARG A 7 17.81 -5.30 11.13
C ARG A 7 16.93 -4.22 11.71
N TYR A 8 15.62 -4.45 11.72
CA TYR A 8 14.68 -3.67 12.51
C TYR A 8 14.11 -4.55 13.62
N PHE A 9 14.09 -4.04 14.84
CA PHE A 9 13.57 -4.75 16.01
C PHE A 9 12.38 -3.98 16.60
N PHE A 10 11.25 -4.65 16.78
CA PHE A 10 10.03 -4.01 17.30
C PHE A 10 9.54 -4.75 18.55
N THR A 11 9.32 -4.01 19.64
CA THR A 11 8.72 -4.56 20.86
C THR A 11 7.45 -3.78 21.19
N SER A 12 6.36 -4.50 21.39
CA SER A 12 5.08 -3.93 21.82
C SER A 12 4.62 -4.64 23.09
N VAL A 13 4.42 -3.88 24.18
CA VAL A 13 4.06 -4.44 25.49
C VAL A 13 2.73 -3.85 25.96
N SER A 14 1.71 -4.68 26.10
CA SER A 14 0.42 -4.14 26.53
C SER A 14 0.47 -3.68 27.99
N ARG A 15 -0.46 -2.78 28.31
CA ARG A 15 -0.64 -2.31 29.69
C ARG A 15 -2.11 -1.96 29.87
N PRO A 16 -2.96 -2.98 29.96
CA PRO A 16 -4.42 -2.74 29.98
C PRO A 16 -4.83 -1.78 31.08
N GLY A 17 -5.65 -0.80 30.72
CA GLY A 17 -6.05 0.26 31.61
C GLY A 17 -5.16 1.48 31.61
N ARG A 18 -3.96 1.35 31.07
CA ARG A 18 -2.93 2.39 31.15
C ARG A 18 -2.63 2.98 29.77
N GLY A 19 -3.57 2.87 28.84
CA GLY A 19 -3.38 3.40 27.50
C GLY A 19 -3.00 2.34 26.49
N GLU A 20 -2.54 2.83 25.34
CA GLU A 20 -2.10 1.93 24.30
C GLU A 20 -0.77 1.30 24.69
N PRO A 21 -0.45 0.16 24.08
CA PRO A 21 0.81 -0.52 24.39
C PRO A 21 2.01 0.38 24.14
N ARG A 22 3.03 0.17 24.96
CA ARG A 22 4.35 0.72 24.74
C ARG A 22 4.98 0.08 23.51
N PHE A 23 5.42 0.90 22.55
CA PHE A 23 6.00 0.40 21.30
C PHE A 23 7.37 1.04 21.11
N ILE A 24 8.38 0.20 20.96
CA ILE A 24 9.74 0.66 20.74
C ILE A 24 10.24 0.00 19.46
N ALA A 25 10.71 0.80 18.52
CA ALA A 25 11.31 0.27 17.31
C ALA A 25 12.74 0.77 17.24
N VAL A 26 13.68 -0.12 16.91
CA VAL A 26 15.07 0.26 16.67
C VAL A 26 15.55 -0.35 15.36
N GLY A 27 16.40 0.40 14.65
CA GLY A 27 17.01 -0.08 13.41
C GLY A 27 18.52 -0.13 13.51
N TYR A 28 19.11 -1.21 13.01
CA TYR A 28 20.54 -1.43 13.05
C TYR A 28 21.07 -1.67 11.65
N VAL A 29 22.24 -1.10 11.35
CA VAL A 29 23.14 -1.64 10.34
C VAL A 29 24.32 -2.25 11.05
N ASP A 30 24.58 -3.53 10.80
CA ASP A 30 25.67 -4.29 11.46
C ASP A 30 25.42 -4.16 12.97
N ASP A 31 26.40 -3.72 13.75
CA ASP A 31 26.23 -3.50 15.19
C ASP A 31 26.07 -2.02 15.53
N THR A 32 25.61 -1.20 14.57
CA THR A 32 25.42 0.23 14.76
C THR A 32 23.92 0.58 14.71
N GLN A 33 23.36 1.04 15.84
CA GLN A 33 22.00 1.54 15.84
C GLN A 33 21.91 2.86 15.08
N PHE A 34 20.96 2.97 14.16
CA PHE A 34 20.83 4.23 13.42
C PHE A 34 19.47 4.91 13.53
N VAL A 35 18.39 4.22 13.94
CA VAL A 35 17.10 4.88 14.17
C VAL A 35 16.43 4.27 15.40
N ARG A 36 15.53 5.07 16.01
CA ARG A 36 14.63 4.55 17.03
C ARG A 36 13.30 5.29 16.99
N PHE A 37 12.27 4.62 17.51
CA PHE A 37 10.99 5.25 17.81
C PHE A 37 10.50 4.71 19.15
N ASP A 38 9.94 5.60 19.96
CA ASP A 38 9.39 5.23 21.25
C ASP A 38 8.02 5.88 21.38
N SER A 39 6.97 5.05 21.41
CA SER A 39 5.62 5.57 21.53
C SER A 39 5.44 6.50 22.71
N ASP A 40 6.27 6.39 23.75
CA ASP A 40 6.08 7.27 24.90
C ASP A 40 6.95 8.51 24.85
N ALA A 41 7.91 8.58 23.95
CA ALA A 41 8.76 9.76 23.85
C ALA A 41 7.95 10.99 23.41
N ALA A 42 8.53 12.15 23.64
CA ALA A 42 7.85 13.41 23.33
C ALA A 42 7.79 13.68 21.84
N SER A 43 8.76 13.20 21.06
CA SER A 43 8.86 13.65 19.68
C SER A 43 7.71 13.08 18.83
N GLN A 44 7.34 11.82 19.11
CA GLN A 44 6.41 11.09 18.25
C GLN A 44 6.96 10.98 16.82
N ARG A 45 8.30 10.91 16.67
CA ARG A 45 8.96 10.78 15.37
C ARG A 45 10.03 9.69 15.41
N MET A 46 10.21 9.02 14.28
CA MET A 46 11.47 8.31 14.02
C MET A 46 12.63 9.27 14.26
N GLU A 47 13.60 8.84 15.04
CA GLU A 47 14.70 9.72 15.42
C GLU A 47 16.04 9.15 14.95
N PRO A 48 16.96 9.98 14.48
CA PRO A 48 18.28 9.49 14.08
C PRO A 48 19.09 9.06 15.29
N ARG A 49 19.89 8.01 15.11
CA ARG A 49 20.79 7.54 16.16
C ARG A 49 22.22 7.34 15.67
N ALA A 50 22.51 7.64 14.42
CA ALA A 50 23.84 7.61 13.86
C ALA A 50 24.04 8.90 13.09
N PRO A 51 25.28 9.36 12.95
CA PRO A 51 25.49 10.60 12.21
C PRO A 51 25.15 10.48 10.73
N TRP A 52 25.46 9.35 10.09
CA TRP A 52 25.25 9.24 8.65
C TRP A 52 23.77 9.19 8.25
N ILE A 53 22.86 8.83 9.16
CA ILE A 53 21.44 8.85 8.78
C ILE A 53 20.85 10.27 8.86
N GLU A 54 21.44 11.17 9.63
CA GLU A 54 20.95 12.54 9.70
C GLU A 54 21.00 13.27 8.37
N GLN A 55 21.76 12.78 7.39
CA GLN A 55 21.79 13.48 6.11
C GLN A 55 20.52 13.24 5.29
N GLU A 56 19.68 12.29 5.67
CA GLU A 56 18.41 12.11 4.97
C GLU A 56 17.50 13.31 5.21
N GLY A 57 16.78 13.73 4.15
CA GLY A 57 15.96 14.91 4.21
C GLY A 57 14.64 14.65 4.91
N PRO A 58 13.78 15.68 4.93
CA PRO A 58 12.49 15.56 5.64
C PRO A 58 11.56 14.51 5.04
N GLU A 59 11.55 14.32 3.72
CA GLU A 59 10.73 13.26 3.13
C GLU A 59 11.03 11.89 3.76
N TYR A 60 12.31 11.59 3.96
CA TYR A 60 12.70 10.32 4.57
C TYR A 60 12.13 10.19 5.97
N TRP A 61 12.31 11.22 6.80
CA TRP A 61 11.86 11.17 8.20
C TRP A 61 10.34 11.19 8.31
N ASP A 62 9.67 12.04 7.53
CA ASP A 62 8.22 11.99 7.49
C ASP A 62 7.72 10.59 7.13
N GLY A 63 8.31 9.96 6.10
CA GLY A 63 7.82 8.66 5.67
C GLY A 63 8.09 7.54 6.68
N GLU A 64 9.26 7.54 7.31
CA GLU A 64 9.58 6.54 8.32
C GLU A 64 8.73 6.72 9.58
N THR A 65 8.42 7.96 9.91
CA THR A 65 7.51 8.22 11.02
C THR A 65 6.13 7.65 10.75
N ARG A 66 5.57 7.94 9.56
CA ARG A 66 4.24 7.38 9.26
C ARG A 66 4.29 5.86 9.23
N LYS A 67 5.33 5.27 8.66
CA LYS A 67 5.41 3.81 8.65
C LYS A 67 5.55 3.26 10.06
N VAL A 68 6.43 3.84 10.88
CA VAL A 68 6.63 3.23 12.19
C VAL A 68 5.37 3.39 13.03
N LYS A 69 4.63 4.50 12.87
CA LYS A 69 3.39 4.63 13.63
C LYS A 69 2.36 3.63 13.16
N ALA A 70 2.33 3.33 11.85
CA ALA A 70 1.42 2.27 11.39
C ALA A 70 1.84 0.92 11.93
N HIS A 71 3.16 0.67 12.02
CA HIS A 71 3.67 -0.55 12.63
C HIS A 71 3.13 -0.70 14.04
N SER A 72 3.19 0.38 14.83
CA SER A 72 2.74 0.32 16.20
C SER A 72 1.27 0.00 16.27
N GLN A 73 0.48 0.53 15.33
CA GLN A 73 -0.96 0.28 15.38
C GLN A 73 -1.29 -1.15 14.95
N THR A 74 -0.56 -1.67 13.96
CA THR A 74 -0.78 -3.08 13.61
C THR A 74 -0.39 -4.01 14.76
N HIS A 75 0.70 -3.70 15.48
CA HIS A 75 1.14 -4.61 16.52
C HIS A 75 0.28 -4.45 17.77
N ARG A 76 -0.34 -3.28 17.92
CA ARG A 76 -1.38 -3.13 18.92
C ARG A 76 -2.58 -4.02 18.58
N VAL A 77 -2.99 -4.08 17.30
CA VAL A 77 -4.04 -5.02 16.96
C VAL A 77 -3.58 -6.46 17.19
N ASP A 78 -2.29 -6.74 16.92
CA ASP A 78 -1.76 -8.09 17.11
C ASP A 78 -1.88 -8.55 18.57
N LEU A 79 -1.55 -7.68 19.51
CA LEU A 79 -1.72 -8.04 20.92
C LEU A 79 -3.15 -8.48 21.18
N GLY A 80 -4.12 -7.71 20.68
CA GLY A 80 -5.51 -8.06 20.85
C GLY A 80 -5.85 -9.40 20.21
N THR A 81 -5.34 -9.63 19.00
CA THR A 81 -5.61 -10.87 18.29
C THR A 81 -5.04 -12.06 19.04
N LEU A 82 -3.78 -11.98 19.45
CA LEU A 82 -3.15 -13.13 20.09
C LEU A 82 -3.79 -13.44 21.43
N ARG A 83 -4.19 -12.40 22.16
CA ARG A 83 -4.98 -12.59 23.38
C ARG A 83 -6.20 -13.49 23.10
N GLY A 84 -6.92 -13.22 22.01
CA GLY A 84 -8.02 -14.09 21.62
C GLY A 84 -7.58 -15.49 21.23
N TYR A 85 -6.52 -15.60 20.42
CA TYR A 85 -6.00 -16.91 20.02
C TYR A 85 -5.71 -17.81 21.22
N TYR A 86 -5.09 -17.25 22.24
CA TYR A 86 -4.70 -17.98 23.44
C TYR A 86 -5.77 -17.93 24.54
N ASN A 87 -6.95 -17.37 24.24
CA ASN A 87 -8.03 -17.25 25.22
C ASN A 87 -7.52 -16.70 26.55
N GLN A 88 -6.75 -15.62 26.46
CA GLN A 88 -6.12 -15.04 27.63
C GLN A 88 -7.00 -13.94 28.23
N SER A 89 -6.81 -13.71 29.52
CA SER A 89 -7.57 -12.67 30.22
C SER A 89 -7.26 -11.31 29.61
N GLU A 90 -8.27 -10.44 29.60
CA GLU A 90 -8.10 -9.08 29.07
C GLU A 90 -7.23 -8.21 29.94
N ALA A 91 -6.86 -8.67 31.13
CA ALA A 91 -6.21 -7.81 32.11
C ALA A 91 -4.68 -7.80 32.00
N GLY A 92 -4.06 -8.91 31.64
CA GLY A 92 -2.62 -9.03 31.78
C GLY A 92 -1.81 -8.28 30.72
N SER A 93 -0.54 -8.05 31.04
CA SER A 93 0.42 -7.48 30.12
C SER A 93 1.08 -8.60 29.31
N HIS A 94 1.24 -8.35 28.01
CA HIS A 94 1.80 -9.32 27.07
C HIS A 94 2.72 -8.58 26.10
N THR A 95 3.56 -9.36 25.42
CA THR A 95 4.67 -8.80 24.64
C THR A 95 4.67 -9.43 23.26
N VAL A 96 4.58 -8.61 22.23
CA VAL A 96 4.79 -9.05 20.85
C VAL A 96 6.11 -8.47 20.40
N GLN A 97 6.99 -9.32 19.86
CA GLN A 97 8.25 -8.88 19.29
C GLN A 97 8.28 -9.27 17.83
N ARG A 98 8.90 -8.41 17.01
CA ARG A 98 9.04 -8.67 15.59
C ARG A 98 10.43 -8.21 15.14
N MET A 99 11.03 -8.96 14.24
CA MET A 99 12.30 -8.62 13.66
C MET A 99 12.21 -8.86 12.16
N TYR A 100 12.79 -7.96 11.38
CA TYR A 100 13.00 -8.30 9.98
C TYR A 100 14.25 -7.61 9.48
N GLY A 101 14.80 -8.12 8.38
CA GLY A 101 15.99 -7.53 7.80
C GLY A 101 16.63 -8.44 6.78
N CYS A 102 17.80 -8.02 6.31
CA CYS A 102 18.49 -8.74 5.24
C CYS A 102 19.99 -8.77 5.52
N ASP A 103 20.64 -9.82 5.04
CA ASP A 103 22.10 -9.93 5.03
C ASP A 103 22.57 -9.75 3.59
N VAL A 104 23.74 -9.13 3.41
CA VAL A 104 24.41 -9.16 2.12
C VAL A 104 25.84 -9.69 2.29
N GLY A 105 26.38 -10.26 1.21
CA GLY A 105 27.73 -10.75 1.22
C GLY A 105 28.74 -9.61 0.99
N SER A 106 30.00 -10.01 0.80
CA SER A 106 31.06 -9.05 0.55
C SER A 106 30.87 -8.30 -0.77
N ASP A 107 30.15 -8.87 -1.72
CA ASP A 107 29.78 -8.14 -2.92
C ASP A 107 28.51 -7.32 -2.71
N TRP A 108 28.02 -7.22 -1.48
CA TRP A 108 26.81 -6.49 -1.12
C TRP A 108 25.58 -6.99 -1.86
N ARG A 109 25.61 -8.22 -2.37
CA ARG A 109 24.42 -8.82 -2.95
C ARG A 109 23.71 -9.69 -1.91
N PHE A 110 22.42 -9.88 -2.14
CA PHE A 110 21.53 -10.51 -1.14
C PHE A 110 22.06 -11.86 -0.70
N LEU A 111 22.16 -12.07 0.62
CA LEU A 111 22.56 -13.35 1.20
C LEU A 111 21.38 -14.06 1.83
N ARG A 112 20.69 -13.42 2.78
CA ARG A 112 19.44 -13.95 3.31
C ARG A 112 18.58 -12.84 3.90
N GLY A 113 17.28 -13.18 4.07
CA GLY A 113 16.34 -12.27 4.69
C GLY A 113 15.62 -12.93 5.84
N TYR A 114 15.09 -12.10 6.73
CA TYR A 114 14.39 -12.55 7.95
C TYR A 114 13.08 -11.81 8.11
N HIS A 115 12.09 -12.52 8.66
CA HIS A 115 10.85 -11.87 9.11
C HIS A 115 10.17 -12.80 10.10
N GLN A 116 10.17 -12.45 11.39
CA GLN A 116 9.76 -13.39 12.42
C GLN A 116 9.24 -12.64 13.63
N TYR A 117 8.46 -13.38 14.45
CA TYR A 117 7.69 -12.82 15.56
C TYR A 117 7.86 -13.71 16.78
N ALA A 118 7.73 -13.11 17.96
CA ALA A 118 7.61 -13.86 19.19
C ALA A 118 6.50 -13.27 20.02
N TYR A 119 5.87 -14.12 20.85
CA TYR A 119 4.81 -13.70 21.77
C TYR A 119 5.17 -14.19 23.16
N ASP A 120 5.29 -13.26 24.09
CA ASP A 120 5.71 -13.54 25.46
C ASP A 120 7.00 -14.36 25.47
N GLY A 121 7.95 -13.97 24.60
CA GLY A 121 9.26 -14.59 24.56
C GLY A 121 9.33 -15.95 23.88
N LYS A 122 8.22 -16.49 23.40
CA LYS A 122 8.22 -17.76 22.68
C LYS A 122 8.16 -17.47 21.20
N ASP A 123 8.90 -18.24 20.40
CA ASP A 123 8.72 -18.17 18.97
C ASP A 123 7.25 -18.28 18.63
N TYR A 124 6.81 -17.44 17.71
CA TYR A 124 5.43 -17.50 17.21
C TYR A 124 5.43 -17.95 15.77
N ILE A 125 5.84 -17.09 14.82
CA ILE A 125 5.92 -17.45 13.40
C ILE A 125 7.20 -16.84 12.84
N ALA A 126 7.80 -17.54 11.86
CA ALA A 126 9.04 -17.14 11.22
C ALA A 126 9.06 -17.50 9.74
N LEU A 127 9.42 -16.54 8.88
CA LEU A 127 9.70 -16.85 7.48
C LEU A 127 10.91 -17.77 7.39
N LYS A 128 10.77 -18.87 6.64
CA LYS A 128 11.88 -19.78 6.44
C LYS A 128 12.89 -19.21 5.46
N GLU A 129 14.06 -19.86 5.41
CA GLU A 129 15.18 -19.32 4.64
C GLU A 129 14.88 -19.28 3.16
N ASP A 130 14.08 -20.21 2.63
CA ASP A 130 13.71 -20.10 1.22
C ASP A 130 12.75 -18.94 0.94
N LEU A 131 12.40 -18.14 1.95
CA LEU A 131 11.55 -16.96 1.82
C LEU A 131 10.21 -17.27 1.16
N ARG A 132 9.80 -18.54 1.22
CA ARG A 132 8.55 -18.96 0.61
C ARG A 132 7.65 -19.75 1.55
N SER A 133 8.05 -19.96 2.80
CA SER A 133 7.32 -20.85 3.68
C SER A 133 7.54 -20.41 5.13
N TRP A 134 6.73 -20.96 6.03
CA TRP A 134 6.64 -20.45 7.39
C TRP A 134 6.86 -21.55 8.40
N THR A 135 7.44 -21.18 9.53
CA THR A 135 7.53 -22.04 10.69
C THR A 135 6.59 -21.48 11.75
N ALA A 136 5.54 -22.22 12.04
CA ALA A 136 4.56 -21.85 13.08
C ALA A 136 4.86 -22.67 14.33
N ALA A 137 4.98 -21.99 15.46
CA ALA A 137 5.53 -22.63 16.65
C ALA A 137 4.49 -23.40 17.46
N ASP A 138 3.20 -23.10 17.29
CA ASP A 138 2.11 -23.80 17.98
C ASP A 138 0.84 -23.59 17.16
N MET A 139 -0.32 -23.88 17.78
CA MET A 139 -1.57 -23.93 17.05
C MET A 139 -2.20 -22.55 16.81
N ALA A 140 -1.94 -21.56 17.67
CA ALA A 140 -2.35 -20.21 17.32
C ALA A 140 -1.58 -19.71 16.10
N ALA A 141 -0.27 -19.96 16.06
CA ALA A 141 0.54 -19.48 14.95
C ALA A 141 0.19 -20.21 13.66
N GLN A 142 -0.30 -21.45 13.76
CA GLN A 142 -0.79 -22.13 12.57
C GLN A 142 -1.96 -21.38 11.94
N THR A 143 -2.81 -20.77 12.77
CA THR A 143 -3.88 -19.91 12.26
C THR A 143 -3.32 -18.75 11.43
N THR A 144 -2.33 -18.03 11.98
CA THR A 144 -1.67 -16.98 11.21
C THR A 144 -1.08 -17.53 9.93
N LYS A 145 -0.43 -18.70 10.01
CA LYS A 145 0.27 -19.23 8.86
C LYS A 145 -0.69 -19.60 7.73
N HIS A 146 -1.83 -20.20 8.04
CA HIS A 146 -2.82 -20.47 6.99
C HIS A 146 -3.33 -19.19 6.35
N LYS A 147 -3.60 -18.15 7.17
CA LYS A 147 -4.03 -16.85 6.65
C LYS A 147 -2.96 -16.25 5.73
N TRP A 148 -1.69 -16.26 6.18
CA TRP A 148 -0.62 -15.64 5.41
C TRP A 148 -0.31 -16.43 4.14
N GLU A 149 -0.48 -17.75 4.17
CA GLU A 149 -0.32 -18.55 2.97
C GLU A 149 -1.39 -18.18 1.95
N ALA A 150 -2.63 -18.06 2.42
CA ALA A 150 -3.72 -17.74 1.51
C ALA A 150 -3.60 -16.33 0.93
N ALA A 151 -3.03 -15.39 1.69
CA ALA A 151 -2.81 -14.02 1.22
C ALA A 151 -1.47 -13.84 0.51
N HIS A 152 -0.71 -14.92 0.31
CA HIS A 152 0.60 -14.87 -0.35
C HIS A 152 1.50 -13.80 0.26
N VAL A 153 1.53 -13.75 1.59
CA VAL A 153 2.36 -12.78 2.30
C VAL A 153 3.84 -13.00 2.02
N ALA A 154 4.30 -14.26 1.93
CA ALA A 154 5.73 -14.48 1.73
C ALA A 154 6.22 -13.80 0.46
N GLU A 155 5.41 -13.85 -0.60
CA GLU A 155 5.83 -13.25 -1.86
C GLU A 155 6.10 -11.76 -1.71
N GLN A 156 5.24 -11.05 -0.96
CA GLN A 156 5.46 -9.62 -0.79
C GLN A 156 6.63 -9.33 0.13
N LEU A 157 6.85 -10.17 1.15
CA LEU A 157 8.01 -10.01 2.03
C LEU A 157 9.31 -10.18 1.24
N ARG A 158 9.36 -11.15 0.33
CA ARG A 158 10.54 -11.44 -0.44
C ARG A 158 10.90 -10.28 -1.36
N ALA A 159 9.88 -9.62 -1.91
CA ALA A 159 10.14 -8.41 -2.71
C ALA A 159 10.86 -7.36 -1.88
N TYR A 160 10.51 -7.22 -0.60
CA TYR A 160 11.25 -6.29 0.26
C TYR A 160 12.62 -6.83 0.62
N LEU A 161 12.68 -8.09 1.04
CA LEU A 161 13.92 -8.62 1.61
C LEU A 161 15.01 -8.74 0.56
N GLU A 162 14.66 -9.17 -0.65
CA GLU A 162 15.61 -9.32 -1.73
C GLU A 162 15.84 -8.03 -2.51
N GLY A 163 15.02 -7.01 -2.30
CA GLY A 163 15.09 -5.82 -3.12
C GLY A 163 15.31 -4.57 -2.30
N THR A 164 14.20 -3.89 -1.95
CA THR A 164 14.23 -2.70 -1.12
C THR A 164 15.20 -2.77 0.07
N CYS A 165 15.15 -3.87 0.82
CA CYS A 165 16.01 -3.98 2.00
C CYS A 165 17.50 -3.91 1.64
N VAL A 166 17.93 -4.62 0.60
CA VAL A 166 19.35 -4.56 0.27
C VAL A 166 19.72 -3.25 -0.44
N GLU A 167 18.79 -2.68 -1.23
CA GLU A 167 19.06 -1.40 -1.88
C GLU A 167 19.31 -0.31 -0.84
N TRP A 168 18.47 -0.23 0.20
CA TRP A 168 18.69 0.79 1.21
C TRP A 168 19.85 0.45 2.14
N LEU A 169 20.09 -0.84 2.43
CA LEU A 169 21.30 -1.23 3.15
C LEU A 169 22.54 -0.71 2.41
N ARG A 170 22.63 -0.95 1.11
CA ARG A 170 23.79 -0.45 0.36
C ARG A 170 23.88 1.06 0.39
N ARG A 171 22.74 1.77 0.41
CA ARG A 171 22.78 3.23 0.51
C ARG A 171 23.42 3.66 1.81
N TYR A 172 23.01 3.01 2.93
CA TYR A 172 23.57 3.35 4.23
C TYR A 172 25.05 3.00 4.33
N LEU A 173 25.46 1.87 3.75
CA LEU A 173 26.87 1.50 3.81
C LEU A 173 27.75 2.57 3.15
N GLU A 174 27.30 3.12 2.03
CA GLU A 174 28.08 4.18 1.38
C GLU A 174 28.00 5.49 2.13
N ASN A 175 26.78 5.96 2.41
CA ASN A 175 26.64 7.24 3.11
C ASN A 175 27.29 7.21 4.48
N GLY A 176 27.35 6.04 5.11
CA GLY A 176 28.00 5.92 6.40
C GLY A 176 29.35 5.25 6.38
N LYS A 177 30.08 5.32 5.26
CA LYS A 177 31.26 4.47 5.10
C LYS A 177 32.32 4.77 6.16
N GLU A 178 32.49 6.03 6.53
CA GLU A 178 33.53 6.39 7.51
C GLU A 178 33.30 5.74 8.87
N THR A 179 32.10 5.25 9.18
CA THR A 179 31.93 4.51 10.41
C THR A 179 31.41 3.09 10.21
N LEU A 180 30.53 2.84 9.23
CA LEU A 180 30.04 1.49 9.02
C LEU A 180 31.09 0.58 8.39
N GLN A 181 31.93 1.10 7.51
CA GLN A 181 32.93 0.28 6.85
C GLN A 181 34.27 0.33 7.58
N ARG A 182 34.33 0.94 8.75
CA ARG A 182 35.54 0.96 9.55
C ARG A 182 35.70 -0.35 10.32
N THR A 183 36.97 -0.68 10.62
CA THR A 183 37.26 -1.69 11.63
C THR A 183 38.18 -1.06 12.68
N ASP A 184 37.75 -1.13 13.94
CA ASP A 184 38.58 -0.73 15.07
C ASP A 184 39.20 -1.97 15.69
N ALA A 185 40.52 -2.06 15.66
CA ALA A 185 41.19 -3.24 16.17
C ALA A 185 41.12 -3.27 17.69
N PRO A 186 40.99 -4.45 18.28
CA PRO A 186 41.04 -4.55 19.75
C PRO A 186 42.32 -3.99 20.34
N LYS A 187 42.16 -3.22 21.42
CA LYS A 187 43.27 -2.94 22.32
C LYS A 187 43.26 -4.03 23.39
N THR A 188 44.41 -4.66 23.61
CA THR A 188 44.46 -5.90 24.36
C THR A 188 45.46 -5.78 25.49
N HIS A 189 45.22 -6.54 26.56
CA HIS A 189 46.14 -6.65 27.68
C HIS A 189 45.67 -7.86 28.48
N MET A 190 46.51 -8.31 29.40
CA MET A 190 46.17 -9.47 30.20
C MET A 190 46.33 -9.13 31.67
N THR A 191 45.32 -9.43 32.47
CA THR A 191 45.38 -9.28 33.92
C THR A 191 45.46 -10.65 34.60
N HIS A 192 45.84 -10.63 35.87
CA HIS A 192 46.15 -11.84 36.61
C HIS A 192 45.73 -11.66 38.06
N HIS A 193 45.14 -12.71 38.64
CA HIS A 193 44.64 -12.66 40.01
C HIS A 193 44.86 -14.00 40.68
N ALA A 194 45.43 -13.98 41.89
CA ALA A 194 45.41 -15.17 42.72
C ALA A 194 43.97 -15.52 43.07
N VAL A 195 43.63 -16.80 42.99
CA VAL A 195 42.23 -17.18 43.13
C VAL A 195 42.07 -18.21 44.26
N SER A 196 43.11 -19.00 44.51
CA SER A 196 43.17 -19.88 45.68
C SER A 196 44.61 -19.85 46.18
N ASP A 197 44.97 -20.79 47.06
CA ASP A 197 46.34 -20.88 47.54
C ASP A 197 47.27 -21.54 46.52
N HIS A 198 46.73 -22.01 45.38
CA HIS A 198 47.56 -22.69 44.38
C HIS A 198 47.04 -22.48 42.96
N GLU A 199 46.11 -21.55 42.74
CA GLU A 199 45.55 -21.28 41.43
C GLU A 199 45.56 -19.78 41.18
N ALA A 200 45.54 -19.42 39.90
CA ALA A 200 45.42 -18.02 39.52
C ALA A 200 44.53 -17.92 38.29
N THR A 201 43.85 -16.78 38.18
CA THR A 201 43.03 -16.49 37.02
C THR A 201 43.82 -15.57 36.11
N LEU A 202 44.03 -16.00 34.86
CA LEU A 202 44.47 -15.11 33.80
C LEU A 202 43.25 -14.59 33.05
N ARG A 203 43.16 -13.28 32.86
CA ARG A 203 42.08 -12.67 32.11
C ARG A 203 42.65 -11.94 30.90
N CYS A 204 42.20 -12.33 29.72
CA CYS A 204 42.60 -11.72 28.46
C CYS A 204 41.56 -10.71 28.00
N TRP A 205 41.96 -9.46 27.84
CA TRP A 205 41.05 -8.35 27.60
C TRP A 205 41.11 -7.88 26.15
N ALA A 206 39.94 -7.66 25.54
CA ALA A 206 39.84 -6.96 24.26
C ALA A 206 38.93 -5.75 24.43
N LEU A 207 39.44 -4.58 24.09
CA LEU A 207 38.74 -3.34 24.34
C LEU A 207 38.70 -2.52 23.06
N SER A 208 37.60 -1.80 22.88
CA SER A 208 37.51 -0.71 21.90
C SER A 208 37.49 -1.24 20.47
N PHE A 209 36.88 -2.39 20.23
CA PHE A 209 36.86 -2.97 18.89
C PHE A 209 35.49 -2.78 18.24
N TYR A 210 35.50 -2.75 16.91
CA TYR A 210 34.33 -2.67 16.06
C TYR A 210 34.68 -3.40 14.78
N PRO A 211 33.80 -4.27 14.26
CA PRO A 211 32.48 -4.64 14.81
C PRO A 211 32.59 -5.63 15.97
N ALA A 212 31.43 -6.11 16.45
CA ALA A 212 31.39 -6.87 17.70
C ALA A 212 31.94 -8.28 17.55
N GLU A 213 31.86 -8.84 16.34
CA GLU A 213 32.41 -10.17 16.08
C GLU A 213 33.88 -10.22 16.48
N ILE A 214 34.22 -11.20 17.32
CA ILE A 214 35.59 -11.37 17.80
C ILE A 214 35.73 -12.79 18.33
N THR A 215 36.96 -13.29 18.36
CA THR A 215 37.25 -14.61 18.91
C THR A 215 38.44 -14.49 19.85
N LEU A 216 38.23 -14.90 21.10
CA LEU A 216 39.23 -14.93 22.14
C LEU A 216 39.39 -16.38 22.55
N THR A 217 40.63 -16.87 22.52
CA THR A 217 40.93 -18.26 22.78
C THR A 217 42.10 -18.34 23.76
N TRP A 218 42.16 -19.43 24.50
CA TRP A 218 43.28 -19.72 25.39
C TRP A 218 43.99 -20.96 24.87
N GLN A 219 45.32 -20.97 24.96
CA GLN A 219 46.08 -22.17 24.65
C GLN A 219 47.00 -22.48 25.82
N ARG A 220 47.28 -23.78 25.98
CA ARG A 220 48.31 -24.27 26.89
C ARG A 220 49.30 -25.07 26.06
N ASP A 221 50.56 -24.63 26.06
CA ASP A 221 51.62 -25.27 25.29
C ASP A 221 51.20 -25.47 23.83
N GLY A 222 50.50 -24.49 23.29
CA GLY A 222 50.09 -24.54 21.90
C GLY A 222 48.74 -25.18 21.64
N GLU A 223 48.15 -25.86 22.61
CA GLU A 223 46.88 -26.55 22.41
C GLU A 223 45.71 -25.72 22.95
N ASP A 224 44.69 -25.55 22.11
CA ASP A 224 43.48 -24.86 22.53
C ASP A 224 42.93 -25.50 23.81
N GLN A 225 42.48 -24.65 24.72
CA GLN A 225 42.08 -25.07 26.05
C GLN A 225 40.64 -24.66 26.31
N THR A 226 39.78 -25.64 26.62
CA THR A 226 38.41 -25.43 27.07
C THR A 226 38.24 -25.58 28.57
N GLN A 227 38.98 -26.50 29.20
CA GLN A 227 38.86 -26.73 30.63
C GLN A 227 39.15 -25.45 31.42
N ASP A 228 38.21 -25.10 32.30
CA ASP A 228 38.38 -24.02 33.28
C ASP A 228 38.48 -22.65 32.64
N THR A 229 37.90 -22.46 31.45
CA THR A 229 37.86 -21.16 30.82
C THR A 229 36.45 -20.57 30.87
N GLU A 230 36.38 -19.26 30.68
CA GLU A 230 35.14 -18.54 30.78
C GLU A 230 35.13 -17.41 29.76
N LEU A 231 34.00 -17.27 29.06
CA LEU A 231 33.79 -16.22 28.08
C LEU A 231 32.68 -15.29 28.57
N VAL A 232 32.97 -14.03 28.69
CA VAL A 232 31.92 -13.07 28.99
C VAL A 232 31.26 -12.61 27.69
N GLU A 233 29.97 -12.32 27.78
CA GLU A 233 29.24 -11.77 26.65
C GLU A 233 29.87 -10.47 26.16
N THR A 234 29.99 -10.35 24.83
CA THR A 234 30.42 -9.08 24.28
C THR A 234 29.49 -7.96 24.75
N ARG A 235 30.08 -6.84 25.15
CA ARG A 235 29.32 -5.77 25.74
C ARG A 235 29.67 -4.44 25.07
N PRO A 236 28.73 -3.50 25.04
CA PRO A 236 28.99 -2.16 24.49
C PRO A 236 29.76 -1.27 25.46
N ALA A 237 30.79 -0.61 24.95
CA ALA A 237 31.44 0.45 25.71
C ALA A 237 30.56 1.68 25.85
N GLY A 238 29.57 1.87 24.98
CA GLY A 238 28.78 3.08 24.98
C GLY A 238 29.29 4.17 24.07
N ASP A 239 30.43 3.98 23.40
CA ASP A 239 30.93 4.92 22.41
C ASP A 239 30.91 4.36 20.99
N GLY A 240 30.20 3.25 20.76
CA GLY A 240 30.16 2.63 19.46
C GLY A 240 31.14 1.49 19.25
N THR A 241 32.04 1.24 20.20
CA THR A 241 32.93 0.09 20.16
C THR A 241 32.48 -0.94 21.20
N PHE A 242 33.21 -2.06 21.26
CA PHE A 242 32.82 -3.19 22.08
C PHE A 242 33.97 -3.67 22.96
N GLN A 243 33.62 -4.48 23.95
CA GLN A 243 34.55 -4.97 24.96
C GLN A 243 34.24 -6.44 25.22
N LYS A 244 35.27 -7.20 25.58
CA LYS A 244 35.08 -8.61 25.86
C LYS A 244 36.34 -9.12 26.56
N TRP A 245 36.17 -10.13 27.40
CA TRP A 245 37.31 -10.79 28.02
C TRP A 245 37.06 -12.29 28.10
N ALA A 246 38.15 -13.03 28.22
CA ALA A 246 38.12 -14.45 28.44
C ALA A 246 39.15 -14.79 29.50
N ALA A 247 38.78 -15.66 30.43
CA ALA A 247 39.64 -15.99 31.53
C ALA A 247 39.80 -17.49 31.62
N VAL A 248 40.88 -17.90 32.27
CA VAL A 248 41.21 -19.30 32.50
C VAL A 248 41.86 -19.40 33.88
N VAL A 249 41.55 -20.47 34.60
CA VAL A 249 42.16 -20.76 35.89
C VAL A 249 43.29 -21.75 35.66
N VAL A 250 44.48 -21.42 36.17
CA VAL A 250 45.70 -22.16 35.87
C VAL A 250 46.41 -22.47 37.19
N PRO A 251 47.18 -23.55 37.27
CA PRO A 251 48.03 -23.77 38.45
C PRO A 251 49.02 -22.62 38.61
N SER A 252 49.11 -22.09 39.82
CA SER A 252 50.05 -21.01 40.05
C SER A 252 51.47 -21.52 39.88
N GLY A 253 52.31 -20.71 39.22
CA GLY A 253 53.59 -21.17 38.75
C GLY A 253 53.60 -21.65 37.31
N GLN A 254 52.43 -21.79 36.67
CA GLN A 254 52.34 -22.25 35.30
C GLN A 254 51.72 -21.20 34.38
N GLU A 255 51.62 -19.95 34.84
CA GLU A 255 51.04 -18.88 34.04
C GLU A 255 51.62 -18.82 32.64
N GLN A 256 52.92 -19.06 32.50
CA GLN A 256 53.67 -18.79 31.28
C GLN A 256 53.56 -19.88 30.21
N ARG A 257 52.95 -21.04 30.53
CA ARG A 257 52.61 -22.02 29.51
C ARG A 257 51.33 -21.68 28.77
N TYR A 258 50.61 -20.64 29.18
CA TYR A 258 49.31 -20.29 28.63
C TYR A 258 49.43 -19.05 27.75
N THR A 259 48.68 -19.04 26.66
CA THR A 259 48.61 -17.86 25.80
C THR A 259 47.17 -17.58 25.44
N CYS A 260 46.84 -16.30 25.36
CA CYS A 260 45.56 -15.84 24.83
C CYS A 260 45.72 -15.47 23.36
N HIS A 261 44.69 -15.76 22.57
CA HIS A 261 44.71 -15.53 21.13
C HIS A 261 43.47 -14.76 20.72
N VAL A 262 43.66 -13.58 20.14
CA VAL A 262 42.57 -12.72 19.73
C VAL A 262 42.57 -12.57 18.21
N GLN A 263 41.44 -12.92 17.60
CA GLN A 263 41.20 -12.72 16.17
C GLN A 263 40.09 -11.70 16.00
N HIS A 264 40.30 -10.76 15.08
CA HIS A 264 39.34 -9.72 14.80
C HIS A 264 39.66 -9.12 13.44
N GLU A 265 38.61 -8.78 12.69
CA GLU A 265 38.76 -8.25 11.33
C GLU A 265 39.70 -7.06 11.29
N GLY A 266 39.75 -6.27 12.36
CA GLY A 266 40.68 -5.16 12.41
C GLY A 266 42.13 -5.55 12.58
N LEU A 267 42.42 -6.82 12.89
CA LEU A 267 43.79 -7.26 13.11
C LEU A 267 44.38 -7.84 11.82
N PRO A 268 45.45 -7.25 11.28
CA PRO A 268 46.09 -7.86 10.10
C PRO A 268 46.52 -9.30 10.34
N LYS A 269 46.91 -9.62 11.57
CA LYS A 269 47.29 -10.97 11.96
C LYS A 269 46.78 -11.19 13.37
N PRO A 270 46.27 -12.38 13.67
CA PRO A 270 45.84 -12.68 15.05
C PRO A 270 46.93 -12.38 16.05
N LEU A 271 46.54 -11.81 17.19
CA LEU A 271 47.48 -11.47 18.25
C LEU A 271 47.68 -12.64 19.21
N THR A 272 48.84 -12.67 19.84
CA THR A 272 49.19 -13.67 20.84
C THR A 272 49.71 -12.97 22.09
N LEU A 273 49.06 -13.19 23.22
CA LEU A 273 49.43 -12.56 24.47
C LEU A 273 49.82 -13.63 25.48
N ARG A 274 50.86 -13.35 26.27
CA ARG A 274 51.34 -14.27 27.30
C ARG A 274 51.61 -13.49 28.57
N TRP A 275 51.33 -14.10 29.71
CA TRP A 275 51.57 -13.48 31.00
C TRP A 275 53.06 -13.37 31.29
N ILE B 2 7.52 -17.36 28.58
CA ILE B 2 8.92 -17.60 28.93
C ILE B 2 9.49 -16.42 29.72
N GLN B 3 10.26 -16.72 30.76
CA GLN B 3 11.05 -15.70 31.43
C GLN B 3 12.52 -16.13 31.49
N ARG B 4 13.40 -15.14 31.52
CA ARG B 4 14.83 -15.38 31.66
C ARG B 4 15.45 -14.29 32.52
N THR B 5 16.49 -14.66 33.27
CA THR B 5 17.13 -13.83 34.29
C THR B 5 18.22 -12.97 33.67
N PRO B 6 18.32 -11.70 34.06
CA PRO B 6 19.31 -10.82 33.43
C PRO B 6 20.73 -11.21 33.79
N LYS B 7 21.61 -11.22 32.78
CA LYS B 7 23.03 -11.13 33.04
C LYS B 7 23.41 -9.67 33.28
N ILE B 8 24.39 -9.45 34.14
CA ILE B 8 24.76 -8.11 34.60
C ILE B 8 26.28 -7.95 34.55
N GLN B 9 26.74 -6.92 33.85
CA GLN B 9 28.15 -6.52 33.87
C GLN B 9 28.23 -5.04 34.21
N VAL B 10 29.16 -4.67 35.10
CA VAL B 10 29.37 -3.30 35.52
C VAL B 10 30.81 -2.92 35.22
N TYR B 11 31.02 -1.82 34.50
CA TYR B 11 32.33 -1.49 33.97
C TYR B 11 32.35 -0.03 33.51
N SER B 12 33.57 0.52 33.37
CA SER B 12 33.72 1.85 32.83
C SER B 12 33.87 1.81 31.32
N ARG B 13 33.48 2.90 30.67
CA ARG B 13 33.66 3.01 29.23
C ARG B 13 35.13 2.95 28.85
N HIS B 14 35.97 3.69 29.57
CA HIS B 14 37.39 3.76 29.33
C HIS B 14 38.15 3.25 30.56
N PRO B 15 39.43 2.90 30.42
CA PRO B 15 40.20 2.46 31.59
C PRO B 15 40.12 3.45 32.74
N ALA B 16 39.73 2.95 33.91
CA ALA B 16 39.49 3.83 35.05
C ALA B 16 40.77 4.52 35.48
N GLU B 17 40.78 5.84 35.43
CA GLU B 17 41.89 6.66 35.91
C GLU B 17 41.35 7.60 36.96
N ASN B 18 41.92 7.54 38.17
CA ASN B 18 41.39 8.35 39.26
C ASN B 18 41.53 9.83 38.93
N GLY B 19 40.42 10.55 39.02
CA GLY B 19 40.40 11.97 38.74
C GLY B 19 40.06 12.33 37.32
N LYS B 20 39.97 11.36 36.42
CA LYS B 20 39.69 11.59 35.02
C LYS B 20 38.24 11.22 34.74
N SER B 21 37.51 12.13 34.11
CA SER B 21 36.12 11.87 33.79
C SER B 21 35.98 10.60 32.96
N ASN B 22 34.85 9.91 33.13
CA ASN B 22 34.64 8.61 32.50
C ASN B 22 33.14 8.36 32.39
N PHE B 23 32.76 7.12 32.07
CA PHE B 23 31.37 6.71 32.05
C PHE B 23 31.22 5.37 32.75
N LEU B 24 30.28 5.29 33.68
CA LEU B 24 30.00 4.06 34.41
C LEU B 24 28.83 3.35 33.73
N ASN B 25 29.05 2.11 33.33
CA ASN B 25 28.09 1.33 32.54
C ASN B 25 27.57 0.15 33.33
N CYS B 26 26.26 -0.08 33.24
CA CYS B 26 25.64 -1.33 33.68
C CYS B 26 24.88 -1.94 32.52
N TYR B 27 25.32 -3.11 32.07
CA TYR B 27 24.79 -3.79 30.89
C TYR B 27 23.99 -5.01 31.34
N VAL B 28 22.68 -5.00 31.07
CA VAL B 28 21.82 -6.13 31.40
C VAL B 28 21.32 -6.75 30.11
N SER B 29 21.32 -8.07 30.04
CA SER B 29 21.06 -8.78 28.80
C SER B 29 20.49 -10.16 29.11
N GLY B 30 19.91 -10.78 28.09
CA GLY B 30 19.36 -12.12 28.26
C GLY B 30 18.07 -12.20 29.04
N PHE B 31 17.38 -11.08 29.27
CA PHE B 31 16.24 -11.12 30.16
C PHE B 31 14.93 -11.01 29.39
N HIS B 32 13.86 -11.53 30.02
CA HIS B 32 12.50 -11.55 29.49
C HIS B 32 11.54 -11.80 30.65
N PRO B 33 10.45 -11.03 30.81
CA PRO B 33 9.98 -9.91 29.98
C PRO B 33 10.86 -8.66 30.08
N SER B 34 10.49 -7.57 29.38
CA SER B 34 11.36 -6.41 29.27
C SER B 34 11.32 -5.49 30.48
N ASP B 35 10.28 -5.61 31.30
CA ASP B 35 10.18 -4.82 32.52
C ASP B 35 11.33 -5.15 33.48
N ILE B 36 12.10 -4.12 33.86
CA ILE B 36 13.30 -4.32 34.69
C ILE B 36 13.63 -2.98 35.33
N GLU B 37 14.17 -3.04 36.56
CA GLU B 37 14.74 -1.86 37.23
C GLU B 37 16.25 -1.99 37.30
N VAL B 38 16.96 -0.94 36.87
CA VAL B 38 18.41 -0.92 36.91
C VAL B 38 18.82 0.44 37.43
N ASP B 39 19.59 0.48 38.52
CA ASP B 39 20.09 1.73 39.07
C ASP B 39 21.59 1.65 39.34
N LEU B 40 22.29 2.75 39.04
CA LEU B 40 23.68 2.92 39.42
C LEU B 40 23.75 3.51 40.82
N LEU B 41 24.67 3.01 41.64
CA LEU B 41 24.83 3.43 43.03
C LEU B 41 26.22 4.02 43.24
N LYS B 42 26.27 5.11 44.00
CA LYS B 42 27.53 5.69 44.49
C LYS B 42 27.51 5.62 46.01
N ASN B 43 28.40 4.79 46.56
CA ASN B 43 28.43 4.52 48.00
C ASN B 43 27.03 4.18 48.51
N GLY B 44 26.37 3.26 47.80
CA GLY B 44 25.08 2.75 48.21
C GLY B 44 23.89 3.63 47.89
N GLU B 45 24.10 4.89 47.53
CA GLU B 45 23.00 5.78 47.19
C GLU B 45 22.74 5.76 45.69
N ARG B 46 21.47 5.89 45.32
CA ARG B 46 21.07 5.84 43.92
C ARG B 46 21.54 7.09 43.17
N ILE B 47 22.04 6.91 41.96
CA ILE B 47 22.47 8.04 41.14
C ILE B 47 21.27 8.52 40.33
N GLU B 48 21.05 9.83 40.31
CA GLU B 48 19.80 10.39 39.80
C GLU B 48 19.78 10.53 38.28
N LYS B 49 20.90 10.81 37.63
CA LYS B 49 20.88 11.24 36.24
C LYS B 49 21.27 10.14 35.24
N VAL B 50 20.80 8.91 35.41
CA VAL B 50 21.30 7.79 34.64
C VAL B 50 20.49 7.64 33.34
N GLU B 51 21.18 7.46 32.23
CA GLU B 51 20.54 7.19 30.95
C GLU B 51 20.55 5.71 30.62
N HIS B 52 19.79 5.34 29.60
CA HIS B 52 19.85 3.97 29.11
C HIS B 52 19.55 3.94 27.62
N SER B 53 20.07 2.90 26.98
CA SER B 53 19.90 2.68 25.56
C SER B 53 18.44 2.30 25.26
N ASP B 54 18.13 2.25 23.96
CA ASP B 54 16.77 1.89 23.54
C ASP B 54 16.62 0.39 23.59
N LEU B 55 15.47 -0.04 24.09
CA LEU B 55 15.15 -1.46 24.27
C LEU B 55 15.36 -2.23 22.97
N SER B 56 16.17 -3.28 23.04
CA SER B 56 16.43 -4.10 21.87
C SER B 56 16.55 -5.54 22.31
N PHE B 57 16.66 -6.45 21.34
CA PHE B 57 16.73 -7.85 21.74
C PHE B 57 17.59 -8.67 20.80
N SER B 58 18.00 -9.84 21.30
CA SER B 58 18.88 -10.75 20.59
C SER B 58 18.07 -11.72 19.73
N LYS B 59 18.81 -12.60 19.06
CA LYS B 59 18.21 -13.56 18.15
C LYS B 59 17.27 -14.54 18.87
N ASP B 60 17.53 -14.84 20.14
CA ASP B 60 16.65 -15.70 20.91
C ASP B 60 15.52 -14.92 21.61
N TRP B 61 15.27 -13.67 21.19
CA TRP B 61 14.20 -12.80 21.66
C TRP B 61 14.44 -12.20 23.03
N SER B 62 15.52 -12.56 23.73
CA SER B 62 15.77 -11.95 25.02
C SER B 62 16.31 -10.52 24.87
N PHE B 63 15.99 -9.68 25.84
CA PHE B 63 16.26 -8.26 25.78
C PHE B 63 17.66 -7.90 26.31
N TYR B 64 18.16 -6.73 25.91
CA TYR B 64 19.37 -6.16 26.51
C TYR B 64 19.27 -4.65 26.57
N LEU B 65 19.90 -4.07 27.58
CA LEU B 65 19.89 -2.63 27.79
C LEU B 65 21.22 -2.23 28.40
N LEU B 66 21.67 -1.04 28.02
CA LEU B 66 22.85 -0.41 28.61
C LEU B 66 22.39 0.79 29.41
N TYR B 67 22.70 0.82 30.71
CA TYR B 67 22.52 1.98 31.57
C TYR B 67 23.88 2.61 31.81
N TYR B 68 23.92 3.95 31.92
CA TYR B 68 25.20 4.62 31.98
C TYR B 68 25.03 6.03 32.52
N THR B 69 26.13 6.58 33.00
CA THR B 69 26.16 7.92 33.56
C THR B 69 27.61 8.39 33.57
N GLU B 70 27.79 9.70 33.38
CA GLU B 70 29.13 10.28 33.47
C GLU B 70 29.59 10.33 34.91
N PHE B 71 30.86 10.02 35.15
CA PHE B 71 31.39 10.02 36.50
C PHE B 71 32.90 10.14 36.46
N THR B 72 33.45 10.61 37.58
CA THR B 72 34.89 10.70 37.81
C THR B 72 35.26 9.75 38.95
N PRO B 73 35.89 8.61 38.67
CA PRO B 73 36.22 7.67 39.76
C PRO B 73 37.30 8.21 40.67
N THR B 74 37.14 7.97 41.97
CA THR B 74 38.13 8.29 42.97
C THR B 74 38.53 7.01 43.71
N GLU B 75 39.72 7.03 44.31
CA GLU B 75 40.19 5.87 45.08
C GLU B 75 39.20 5.49 46.18
N LYS B 76 38.47 6.46 46.72
CA LYS B 76 37.63 6.25 47.89
C LYS B 76 36.17 5.93 47.54
N ASP B 77 35.69 6.32 46.37
CA ASP B 77 34.27 6.19 46.05
C ASP B 77 33.96 4.77 45.57
N GLU B 78 32.89 4.20 46.09
CA GLU B 78 32.40 2.91 45.62
C GLU B 78 31.27 3.12 44.63
N TYR B 79 31.17 2.19 43.67
CA TYR B 79 30.14 2.22 42.65
C TYR B 79 29.63 0.81 42.43
N ALA B 80 28.33 0.70 42.12
CA ALA B 80 27.67 -0.60 41.97
C ALA B 80 26.44 -0.43 41.09
N CYS B 81 25.85 -1.56 40.72
CA CYS B 81 24.65 -1.60 39.90
C CYS B 81 23.62 -2.50 40.57
N ARG B 82 22.43 -1.95 40.84
CA ARG B 82 21.31 -2.69 41.41
C ARG B 82 20.30 -3.04 40.32
N VAL B 83 19.95 -4.32 40.23
CA VAL B 83 19.05 -4.81 39.19
C VAL B 83 17.92 -5.58 39.84
N ASN B 84 16.68 -5.22 39.50
CA ASN B 84 15.51 -5.96 39.95
C ASN B 84 14.68 -6.39 38.75
N HIS B 85 14.13 -7.59 38.83
CA HIS B 85 13.43 -8.19 37.71
C HIS B 85 12.57 -9.33 38.26
N VAL B 86 11.48 -9.63 37.57
CA VAL B 86 10.52 -10.61 38.08
C VAL B 86 11.18 -11.95 38.34
N THR B 87 12.18 -12.32 37.55
CA THR B 87 12.88 -13.60 37.72
C THR B 87 13.77 -13.65 38.96
N LEU B 88 14.00 -12.52 39.62
CA LEU B 88 14.92 -12.45 40.75
C LEU B 88 14.11 -12.34 42.03
N SER B 89 14.37 -13.25 42.97
CA SER B 89 13.61 -13.25 44.22
C SER B 89 14.00 -12.07 45.10
N GLN B 90 15.24 -11.61 45.03
CA GLN B 90 15.73 -10.40 45.67
C GLN B 90 16.55 -9.61 44.67
N PRO B 91 16.68 -8.30 44.85
CA PRO B 91 17.46 -7.50 43.89
C PRO B 91 18.92 -7.91 43.91
N LYS B 92 19.53 -7.92 42.72
CA LYS B 92 20.96 -8.18 42.55
C LYS B 92 21.73 -6.87 42.56
N ILE B 93 22.71 -6.76 43.46
CA ILE B 93 23.66 -5.66 43.46
C ILE B 93 25.02 -6.21 43.03
N VAL B 94 25.61 -5.57 42.03
CA VAL B 94 26.92 -5.97 41.49
C VAL B 94 27.84 -4.76 41.59
N LYS B 95 28.93 -4.90 42.34
CA LYS B 95 29.88 -3.80 42.53
C LYS B 95 30.79 -3.65 41.32
N TRP B 96 31.20 -2.41 41.05
CA TRP B 96 32.19 -2.16 40.01
C TRP B 96 33.58 -2.54 40.51
N ASP B 97 34.29 -3.32 39.71
CA ASP B 97 35.59 -3.90 40.07
C ASP B 97 36.61 -3.42 39.04
N ARG B 98 37.30 -2.32 39.35
CA ARG B 98 38.09 -1.62 38.33
C ARG B 98 39.27 -2.45 37.83
N ASP B 99 39.82 -3.33 38.67
CA ASP B 99 41.02 -4.09 38.31
C ASP B 99 40.72 -5.53 37.91
N MET B 100 39.62 -5.77 37.18
CA MET B 100 39.21 -7.13 36.82
C MET B 100 40.12 -7.77 35.74
N GLU C 4 1.90 12.34 -6.13
CA GLU C 4 3.25 11.92 -6.47
C GLU C 4 3.27 10.97 -7.65
N VAL C 5 2.09 10.71 -8.21
CA VAL C 5 1.89 9.70 -9.23
C VAL C 5 1.49 10.43 -10.50
N GLU C 6 2.33 10.33 -11.53
CA GLU C 6 2.04 10.98 -12.81
C GLU C 6 2.04 9.91 -13.90
N GLN C 7 0.96 9.82 -14.66
CA GLN C 7 0.90 8.89 -15.77
C GLN C 7 0.42 9.60 -17.02
N ASP C 8 0.57 8.92 -18.14
CA ASP C 8 0.23 9.49 -19.43
C ASP C 8 -1.28 9.40 -19.66
N PRO C 9 -1.97 10.51 -19.92
CA PRO C 9 -3.44 10.44 -19.94
C PRO C 9 -3.96 9.59 -21.08
N GLY C 10 -3.23 9.51 -22.18
CA GLY C 10 -3.75 8.90 -23.37
C GLY C 10 -4.62 9.90 -24.09
N PRO C 11 -5.60 9.43 -24.87
CA PRO C 11 -5.94 8.03 -25.10
C PRO C 11 -4.91 7.31 -25.99
N PHE C 12 -4.48 6.11 -25.61
CA PHE C 12 -3.64 5.30 -26.47
C PHE C 12 -4.56 4.52 -27.41
N ASN C 13 -4.45 4.80 -28.70
CA ASN C 13 -5.21 4.06 -29.70
C ASN C 13 -4.37 2.88 -30.16
N VAL C 14 -4.85 1.68 -29.89
CA VAL C 14 -4.08 0.47 -30.11
C VAL C 14 -4.85 -0.34 -31.15
N PRO C 15 -4.24 -0.71 -32.26
CA PRO C 15 -4.87 -1.69 -33.15
C PRO C 15 -5.11 -2.98 -32.40
N GLU C 16 -6.30 -3.54 -32.60
CA GLU C 16 -6.66 -4.84 -32.06
C GLU C 16 -5.55 -5.86 -32.28
N GLY C 17 -5.20 -6.59 -31.23
CA GLY C 17 -4.14 -7.57 -31.29
C GLY C 17 -2.74 -7.02 -31.15
N ALA C 18 -2.57 -5.70 -31.15
CA ALA C 18 -1.23 -5.13 -31.01
C ALA C 18 -0.82 -5.11 -29.55
N THR C 19 0.41 -4.67 -29.32
CA THR C 19 0.95 -4.47 -27.99
C THR C 19 0.96 -2.99 -27.67
N VAL C 20 0.53 -2.64 -26.46
CA VAL C 20 0.52 -1.28 -25.95
C VAL C 20 1.24 -1.28 -24.61
N ALA C 21 1.99 -0.21 -24.35
CA ALA C 21 2.65 -0.05 -23.07
C ALA C 21 2.67 1.43 -22.72
N PHE C 22 2.53 1.74 -21.44
CA PHE C 22 2.63 3.11 -20.97
C PHE C 22 3.32 3.12 -19.62
N ASN C 23 3.84 4.29 -19.27
CA ASN C 23 4.57 4.49 -18.03
C ASN C 23 3.73 5.28 -17.04
N CYS C 24 4.13 5.16 -15.77
CA CYS C 24 3.72 6.05 -14.71
C CYS C 24 4.93 6.23 -13.82
N THR C 25 5.15 7.45 -13.34
CA THR C 25 6.33 7.75 -12.56
C THR C 25 5.94 8.13 -11.14
N TYR C 26 6.82 7.83 -10.18
CA TYR C 26 6.58 8.17 -8.79
C TYR C 26 7.72 9.02 -8.27
N SER C 27 7.38 9.90 -7.33
CA SER C 27 8.34 10.93 -6.92
C SER C 27 9.23 10.50 -5.77
N ASN C 28 8.67 9.82 -4.76
CA ASN C 28 9.38 9.44 -3.55
C ASN C 28 10.10 8.12 -3.78
N SER C 29 11.44 8.15 -3.73
CA SER C 29 12.23 6.95 -3.95
C SER C 29 12.03 5.90 -2.85
N ALA C 30 11.52 6.28 -1.69
CA ALA C 30 11.22 5.29 -0.65
C ALA C 30 9.94 4.53 -0.94
N SER C 31 9.15 4.92 -1.94
CA SER C 31 7.93 4.19 -2.23
C SER C 31 8.31 2.80 -2.75
N GLN C 32 7.55 1.78 -2.34
CA GLN C 32 7.96 0.42 -2.65
C GLN C 32 6.79 -0.50 -2.96
N SER C 33 5.57 0.00 -3.00
CA SER C 33 4.41 -0.80 -3.28
C SER C 33 3.59 -0.05 -4.31
N PHE C 34 3.28 -0.72 -5.42
CA PHE C 34 2.52 -0.10 -6.49
C PHE C 34 1.52 -1.10 -7.04
N PHE C 35 0.50 -0.59 -7.73
CA PHE C 35 -0.50 -1.46 -8.35
C PHE C 35 -0.98 -0.85 -9.64
N TRP C 36 -1.49 -1.69 -10.52
CA TRP C 36 -2.32 -1.25 -11.63
C TRP C 36 -3.77 -1.60 -11.32
N TYR C 37 -4.65 -0.60 -11.43
CA TYR C 37 -6.09 -0.78 -11.32
C TYR C 37 -6.75 -0.52 -12.67
N ARG C 38 -7.86 -1.19 -12.91
CA ARG C 38 -8.65 -0.96 -14.11
C ARG C 38 -9.98 -0.33 -13.70
N GLN C 39 -10.43 0.67 -14.47
CA GLN C 39 -11.70 1.31 -14.18
C GLN C 39 -12.46 1.56 -15.48
N ASP C 40 -13.62 0.93 -15.62
CA ASP C 40 -14.51 1.24 -16.73
C ASP C 40 -15.32 2.48 -16.42
N CYS C 41 -15.73 3.19 -17.47
CA CYS C 41 -16.33 4.51 -17.33
C CYS C 41 -17.43 4.53 -16.26
N ARG C 42 -17.26 5.42 -15.28
CA ARG C 42 -18.19 5.69 -14.19
C ARG C 42 -18.38 4.53 -13.24
N LYS C 43 -17.53 3.50 -13.31
CA LYS C 43 -17.58 2.34 -12.43
C LYS C 43 -16.40 2.37 -11.46
N GLU C 44 -16.32 1.36 -10.63
CA GLU C 44 -15.35 1.46 -9.56
C GLU C 44 -13.98 0.91 -9.98
N PRO C 45 -12.90 1.44 -9.39
CA PRO C 45 -11.56 0.93 -9.70
C PRO C 45 -11.38 -0.48 -9.16
N LYS C 46 -10.81 -1.35 -9.99
CA LYS C 46 -10.64 -2.77 -9.67
C LYS C 46 -9.18 -3.14 -9.85
N LEU C 47 -8.62 -3.88 -8.87
CA LEU C 47 -7.22 -4.26 -8.97
C LEU C 47 -6.96 -5.12 -10.21
N LEU C 48 -5.96 -4.72 -10.99
CA LEU C 48 -5.56 -5.51 -12.15
C LEU C 48 -4.40 -6.42 -11.78
N MET C 49 -3.36 -5.83 -11.19
CA MET C 49 -2.16 -6.54 -10.78
C MET C 49 -1.37 -5.68 -9.82
N SER C 50 -0.82 -6.32 -8.82
CA SER C 50 0.10 -5.69 -7.89
C SER C 50 1.52 -5.76 -8.45
N VAL C 51 2.38 -4.86 -7.97
CA VAL C 51 3.82 -4.87 -8.29
C VAL C 51 4.58 -4.42 -7.04
N TYR C 52 5.21 -5.37 -6.35
CA TYR C 52 5.92 -5.07 -5.12
C TYR C 52 7.43 -5.09 -5.28
N SER C 53 7.93 -5.72 -6.34
CA SER C 53 9.37 -5.85 -6.52
C SER C 53 9.79 -5.11 -7.78
N SER C 54 10.78 -5.66 -8.50
CA SER C 54 11.18 -5.07 -9.76
C SER C 54 10.11 -5.22 -10.83
N GLY C 55 9.28 -6.25 -10.75
CA GLY C 55 8.24 -6.36 -11.76
C GLY C 55 7.27 -7.49 -11.49
N ASN C 56 6.31 -7.63 -12.40
CA ASN C 56 5.29 -8.66 -12.30
C ASN C 56 4.69 -8.95 -13.68
N GLU C 57 4.55 -10.22 -14.02
CA GLU C 57 3.90 -10.64 -15.27
C GLU C 57 2.70 -11.52 -14.95
N ASP C 58 1.51 -11.05 -15.33
CA ASP C 58 0.25 -11.77 -15.15
C ASP C 58 -0.41 -11.93 -16.52
N GLY C 59 -0.12 -13.04 -17.21
CA GLY C 59 -0.81 -13.34 -18.45
C GLY C 59 -0.42 -12.41 -19.58
N ARG C 60 -1.41 -11.97 -20.36
CA ARG C 60 -1.13 -11.00 -21.43
C ARG C 60 -0.71 -9.65 -20.88
N PHE C 61 -0.75 -9.46 -19.57
CA PHE C 61 -0.32 -8.23 -18.94
C PHE C 61 1.06 -8.42 -18.33
N THR C 62 1.86 -7.37 -18.37
CA THR C 62 3.20 -7.41 -17.77
C THR C 62 3.49 -6.05 -17.18
N ALA C 63 3.76 -6.01 -15.88
CA ALA C 63 4.11 -4.76 -15.24
C ALA C 63 5.51 -4.87 -14.63
N HIS C 64 6.14 -3.72 -14.50
CA HIS C 64 7.56 -3.70 -14.22
C HIS C 64 7.90 -2.41 -13.50
N VAL C 65 8.47 -2.52 -12.32
CA VAL C 65 8.82 -1.35 -11.52
C VAL C 65 10.31 -1.11 -11.69
N ASN C 66 10.65 -0.06 -12.43
CA ASN C 66 12.04 0.38 -12.57
C ASN C 66 12.37 1.22 -11.35
N ARG C 67 12.78 0.55 -10.25
CA ARG C 67 13.09 1.25 -9.00
C ARG C 67 14.22 2.25 -9.18
N ALA C 68 15.12 1.99 -10.14
CA ALA C 68 16.16 2.96 -10.45
C ALA C 68 15.56 4.17 -11.16
N SER C 69 14.85 3.93 -12.27
CA SER C 69 14.18 5.00 -13.00
C SER C 69 13.04 5.66 -12.23
N GLN C 70 12.54 5.06 -11.15
CA GLN C 70 11.34 5.56 -10.44
C GLN C 70 10.16 5.71 -11.40
N TYR C 71 9.90 4.65 -12.15
CA TYR C 71 8.64 4.64 -12.89
C TYR C 71 8.13 3.21 -12.96
N ILE C 72 6.82 3.10 -13.18
CA ILE C 72 6.13 1.83 -13.31
C ILE C 72 5.60 1.74 -14.73
N SER C 73 5.68 0.56 -15.31
CA SER C 73 5.19 0.33 -16.65
C SER C 73 4.12 -0.74 -16.61
N LEU C 74 3.21 -0.66 -17.57
CA LEU C 74 2.29 -1.74 -17.85
C LEU C 74 2.38 -2.05 -19.34
N LEU C 75 2.28 -3.33 -19.69
CA LEU C 75 2.31 -3.78 -21.06
C LEU C 75 1.16 -4.74 -21.29
N ILE C 76 0.43 -4.55 -22.39
CA ILE C 76 -0.71 -5.40 -22.74
C ILE C 76 -0.45 -6.01 -24.11
N ARG C 77 -0.33 -7.34 -24.14
CA ARG C 77 -0.05 -8.08 -25.37
C ARG C 77 -1.33 -8.64 -25.98
N ASP C 78 -1.38 -8.65 -27.31
CA ASP C 78 -2.56 -9.04 -28.09
C ASP C 78 -3.81 -8.34 -27.57
N SER C 79 -3.88 -7.04 -27.86
CA SER C 79 -4.92 -6.19 -27.29
C SER C 79 -6.30 -6.57 -27.82
N LYS C 80 -7.23 -6.78 -26.90
CA LYS C 80 -8.63 -7.03 -27.20
C LYS C 80 -9.45 -5.77 -27.01
N LEU C 81 -10.59 -5.72 -27.71
CA LEU C 81 -11.53 -4.61 -27.55
C LEU C 81 -11.99 -4.46 -26.10
N SER C 82 -12.05 -5.56 -25.35
CA SER C 82 -12.42 -5.53 -23.93
C SER C 82 -11.36 -4.91 -23.04
N ASP C 83 -10.15 -4.68 -23.56
CA ASP C 83 -9.13 -3.99 -22.79
C ASP C 83 -9.32 -2.47 -22.80
N SER C 84 -10.18 -1.93 -23.68
CA SER C 84 -10.44 -0.49 -23.67
C SER C 84 -11.00 -0.09 -22.32
N ALA C 85 -10.28 0.79 -21.62
CA ALA C 85 -10.63 1.19 -20.27
C ALA C 85 -9.66 2.27 -19.81
N THR C 86 -9.79 2.72 -18.56
CA THR C 86 -8.76 3.56 -17.95
C THR C 86 -7.93 2.71 -16.99
N TYR C 87 -6.61 2.87 -17.09
CA TYR C 87 -5.66 2.13 -16.27
C TYR C 87 -5.05 3.10 -15.26
N LEU C 88 -5.23 2.80 -13.98
CA LEU C 88 -4.85 3.72 -12.92
C LEU C 88 -3.56 3.24 -12.30
N CYS C 89 -2.58 4.14 -12.25
CA CYS C 89 -1.35 3.87 -11.53
C CYS C 89 -1.56 4.18 -10.05
N VAL C 90 -1.20 3.25 -9.18
CA VAL C 90 -1.57 3.34 -7.77
C VAL C 90 -0.35 3.06 -6.91
N GLN C 91 -0.09 3.96 -5.97
CA GLN C 91 1.02 3.85 -5.05
C GLN C 91 0.49 3.63 -3.65
N GLY C 92 1.12 2.73 -2.90
CA GLY C 92 0.83 2.54 -1.49
C GLY C 92 1.83 3.34 -0.68
N ALA C 93 1.36 3.95 0.40
CA ALA C 93 2.27 4.66 1.29
C ALA C 93 1.99 4.24 2.71
N ALA C 94 3.05 4.15 3.51
CA ALA C 94 2.98 3.96 4.95
C ALA C 94 2.34 2.65 5.37
N GLY C 95 1.93 1.79 4.43
CA GLY C 95 1.21 0.58 4.75
C GLY C 95 -0.30 0.72 4.76
N ASN C 96 -0.84 1.92 4.68
CA ASN C 96 -2.29 2.03 4.82
C ASN C 96 -2.96 2.92 3.80
N LYS C 97 -2.25 3.66 2.95
CA LYS C 97 -2.85 4.70 2.13
C LYS C 97 -2.55 4.45 0.66
N LEU C 98 -3.59 4.50 -0.17
CA LEU C 98 -3.46 4.40 -1.62
C LEU C 98 -3.52 5.79 -2.23
N THR C 99 -2.59 6.07 -3.15
CA THR C 99 -2.60 7.29 -3.94
C THR C 99 -2.77 6.89 -5.40
N PHE C 100 -3.77 7.45 -6.04
CA PHE C 100 -4.14 7.10 -7.41
C PHE C 100 -3.62 8.16 -8.36
N GLY C 101 -3.04 7.73 -9.50
CA GLY C 101 -2.81 8.64 -10.60
C GLY C 101 -4.11 9.00 -11.32
N GLY C 102 -4.00 9.95 -12.24
CA GLY C 102 -5.16 10.40 -13.01
C GLY C 102 -5.67 9.40 -14.02
N GLY C 103 -4.88 8.37 -14.32
CA GLY C 103 -5.36 7.34 -15.22
C GLY C 103 -4.79 7.46 -16.62
N THR C 104 -4.66 6.32 -17.29
CA THR C 104 -4.33 6.25 -18.70
C THR C 104 -5.49 5.63 -19.45
N ARG C 105 -6.08 6.37 -20.37
CA ARG C 105 -7.13 5.81 -21.22
C ARG C 105 -6.50 5.07 -22.41
N VAL C 106 -6.96 3.84 -22.65
CA VAL C 106 -6.56 3.09 -23.84
C VAL C 106 -7.81 2.74 -24.64
N LEU C 107 -7.76 2.98 -25.94
CA LEU C 107 -8.83 2.62 -26.86
C LEU C 107 -8.29 1.62 -27.87
N VAL C 108 -8.78 0.39 -27.80
CA VAL C 108 -8.40 -0.63 -28.76
C VAL C 108 -9.34 -0.50 -29.94
N LYS C 109 -8.78 -0.19 -31.13
CA LYS C 109 -9.47 -0.02 -32.40
C LYS C 109 -9.65 -1.37 -33.10
N PRO C 110 -10.85 -1.65 -33.62
CA PRO C 110 -11.05 -2.90 -34.33
C PRO C 110 -10.35 -2.89 -35.67
N ASN C 111 -9.90 -4.07 -36.09
CA ASN C 111 -9.28 -4.27 -37.41
C ASN C 111 -10.38 -4.56 -38.41
N ILE C 112 -10.84 -3.53 -39.12
CA ILE C 112 -11.98 -3.67 -40.02
C ILE C 112 -11.48 -4.31 -41.31
N GLN C 113 -11.79 -5.60 -41.49
CA GLN C 113 -11.27 -6.36 -42.63
C GLN C 113 -11.83 -5.84 -43.94
N ASN C 114 -13.15 -5.74 -44.05
CA ASN C 114 -13.83 -5.36 -45.29
C ASN C 114 -14.60 -4.05 -45.11
N PRO C 115 -13.90 -2.92 -45.00
CA PRO C 115 -14.61 -1.64 -44.83
C PRO C 115 -15.58 -1.41 -45.98
N ASP C 116 -16.77 -0.89 -45.63
CA ASP C 116 -17.82 -0.65 -46.61
C ASP C 116 -18.48 0.69 -46.28
N PRO C 117 -17.72 1.78 -46.25
CA PRO C 117 -18.23 3.03 -45.68
C PRO C 117 -19.50 3.50 -46.37
N ALA C 118 -20.51 3.81 -45.56
CA ALA C 118 -21.82 4.14 -46.10
C ALA C 118 -22.51 5.09 -45.14
N VAL C 119 -23.43 5.87 -45.69
CA VAL C 119 -24.25 6.79 -44.94
C VAL C 119 -25.70 6.46 -45.25
N TYR C 120 -26.45 6.06 -44.22
CA TYR C 120 -27.80 5.52 -44.36
C TYR C 120 -28.82 6.38 -43.63
N GLN C 121 -30.06 6.30 -44.09
CA GLN C 121 -31.20 7.02 -43.54
C GLN C 121 -32.08 6.05 -42.76
N LEU C 122 -32.24 6.30 -41.46
CA LEU C 122 -33.10 5.49 -40.60
C LEU C 122 -34.31 6.32 -40.23
N ARG C 123 -35.49 5.69 -40.20
CA ARG C 123 -36.72 6.40 -39.92
C ARG C 123 -37.33 5.96 -38.58
N ASP C 124 -38.04 6.88 -37.94
CA ASP C 124 -38.67 6.63 -36.65
C ASP C 124 -39.61 5.44 -36.73
N SER C 125 -39.61 4.62 -35.67
CA SER C 125 -40.52 3.49 -35.58
C SER C 125 -41.97 3.96 -35.40
N LYS C 126 -42.15 5.03 -34.63
CA LYS C 126 -43.46 5.63 -34.39
C LYS C 126 -43.46 7.11 -34.80
N SER C 127 -42.84 7.41 -35.95
CA SER C 127 -42.87 8.74 -36.55
C SER C 127 -42.34 9.83 -35.62
N LYS C 130 -39.63 11.55 -38.34
CA LYS C 130 -38.30 11.73 -37.74
C LYS C 130 -37.29 10.78 -38.38
N SER C 131 -36.04 11.23 -38.50
CA SER C 131 -35.01 10.38 -39.10
C SER C 131 -33.64 10.75 -38.56
N VAL C 132 -32.68 9.91 -38.90
CA VAL C 132 -31.35 9.94 -38.31
C VAL C 132 -30.39 9.37 -39.35
N CYS C 133 -29.20 9.97 -39.43
CA CYS C 133 -28.17 9.55 -40.37
C CYS C 133 -27.16 8.66 -39.68
N LEU C 134 -26.86 7.52 -40.29
CA LEU C 134 -25.98 6.50 -39.73
C LEU C 134 -24.79 6.30 -40.68
N PHE C 135 -23.67 6.95 -40.36
CA PHE C 135 -22.39 6.70 -41.00
C PHE C 135 -21.78 5.45 -40.39
N THR C 136 -21.47 4.47 -41.23
CA THR C 136 -21.16 3.16 -40.67
C THR C 136 -20.24 2.40 -41.61
N ASP C 137 -19.59 1.38 -41.04
CA ASP C 137 -18.78 0.39 -41.75
C ASP C 137 -17.47 0.96 -42.28
N PHE C 138 -16.99 2.06 -41.70
CA PHE C 138 -15.72 2.66 -42.11
C PHE C 138 -14.56 2.08 -41.32
N ASP C 139 -13.36 2.20 -41.88
CA ASP C 139 -12.15 1.74 -41.23
C ASP C 139 -11.86 2.58 -39.98
N SER C 140 -11.13 1.99 -39.04
CA SER C 140 -10.92 2.68 -37.77
C SER C 140 -9.99 3.87 -37.89
N GLN C 141 -9.41 4.11 -39.06
CA GLN C 141 -8.59 5.29 -39.27
C GLN C 141 -9.40 6.51 -39.66
N THR C 142 -10.72 6.38 -39.82
CA THR C 142 -11.56 7.50 -40.19
C THR C 142 -11.97 8.28 -38.94
N ASN C 143 -11.74 9.58 -38.97
CA ASN C 143 -12.08 10.47 -37.89
C ASN C 143 -13.40 11.15 -38.22
N VAL C 144 -14.34 11.08 -37.28
CA VAL C 144 -15.64 11.73 -37.41
C VAL C 144 -15.59 13.00 -36.59
N SER C 145 -15.87 14.13 -37.23
CA SER C 145 -15.82 15.41 -36.54
C SER C 145 -17.21 15.85 -36.12
N GLN C 146 -17.26 16.78 -35.16
CA GLN C 146 -18.52 17.42 -34.89
C GLN C 146 -18.76 18.53 -35.92
N SER C 147 -20.03 18.87 -36.13
CA SER C 147 -20.35 19.89 -37.11
C SER C 147 -20.19 21.28 -36.51
N LYS C 148 -19.76 22.22 -37.35
CA LYS C 148 -19.69 23.61 -36.92
C LYS C 148 -21.08 24.14 -36.60
N ASP C 149 -22.06 23.83 -37.45
CA ASP C 149 -23.41 24.33 -37.26
C ASP C 149 -24.02 23.82 -35.97
N SER C 150 -24.66 24.72 -35.22
CA SER C 150 -25.48 24.26 -34.12
C SER C 150 -26.83 23.82 -34.67
N ASP C 151 -27.57 23.09 -33.85
CA ASP C 151 -28.75 22.31 -34.23
C ASP C 151 -28.40 21.10 -35.08
N VAL C 152 -27.12 20.78 -35.24
CA VAL C 152 -26.67 19.58 -35.95
C VAL C 152 -25.82 18.76 -35.01
N TYR C 153 -26.34 17.61 -34.59
CA TYR C 153 -25.71 16.75 -33.59
C TYR C 153 -25.07 15.56 -34.26
N ILE C 154 -23.81 15.33 -33.94
CA ILE C 154 -23.06 14.20 -34.46
C ILE C 154 -22.36 13.55 -33.28
N THR C 155 -22.51 12.24 -33.15
CA THR C 155 -21.88 11.53 -32.04
C THR C 155 -20.48 11.09 -32.44
N ASP C 156 -19.75 10.61 -31.43
CA ASP C 156 -18.45 10.03 -31.70
C ASP C 156 -18.60 8.68 -32.40
N LYS C 157 -17.49 8.20 -32.96
CA LYS C 157 -17.43 6.85 -33.49
C LYS C 157 -17.61 5.85 -32.36
N CYS C 158 -18.29 4.74 -32.65
CA CYS C 158 -18.64 3.73 -31.66
C CYS C 158 -18.42 2.38 -32.31
N VAL C 159 -17.76 1.47 -31.58
CA VAL C 159 -17.47 0.12 -32.08
C VAL C 159 -18.51 -0.84 -31.50
N LEU C 160 -19.26 -1.50 -32.37
CA LEU C 160 -20.13 -2.60 -31.97
C LEU C 160 -19.55 -3.92 -32.48
N ASP C 161 -19.98 -5.01 -31.84
CA ASP C 161 -19.38 -6.33 -32.08
C ASP C 161 -20.48 -7.39 -32.04
N MET C 162 -20.94 -7.83 -33.21
CA MET C 162 -21.73 -9.06 -33.32
C MET C 162 -20.84 -10.24 -33.03
N ARG C 163 -20.87 -10.75 -31.80
CA ARG C 163 -20.07 -11.92 -31.46
C ARG C 163 -20.45 -13.13 -32.31
N SER C 164 -21.77 -13.40 -32.44
CA SER C 164 -22.20 -14.61 -33.14
C SER C 164 -21.92 -14.54 -34.63
N MET C 165 -21.77 -13.34 -35.20
CA MET C 165 -21.48 -13.19 -36.62
C MET C 165 -20.02 -12.94 -36.89
N ASP C 166 -19.17 -12.90 -35.86
CA ASP C 166 -17.75 -12.62 -36.01
C ASP C 166 -17.54 -11.36 -36.86
N PHE C 167 -18.21 -10.28 -36.44
CA PHE C 167 -18.25 -9.05 -37.22
C PHE C 167 -18.21 -7.88 -36.27
N LYS C 168 -17.35 -6.90 -36.56
CA LYS C 168 -17.27 -5.65 -35.82
C LYS C 168 -17.46 -4.49 -36.78
N SER C 169 -18.05 -3.39 -36.30
CA SER C 169 -18.25 -2.26 -37.18
C SER C 169 -18.20 -0.95 -36.41
N ASN C 170 -17.61 0.05 -37.06
CA ASN C 170 -17.65 1.43 -36.60
C ASN C 170 -18.91 2.12 -37.11
N SER C 171 -19.48 2.99 -36.29
CA SER C 171 -20.59 3.82 -36.72
C SER C 171 -20.57 5.13 -35.97
N ALA C 172 -21.16 6.14 -36.57
CA ALA C 172 -21.49 7.39 -35.90
C ALA C 172 -22.86 7.82 -36.37
N VAL C 173 -23.54 8.61 -35.53
CA VAL C 173 -24.92 9.00 -35.79
C VAL C 173 -24.97 10.52 -35.89
N ALA C 174 -25.73 11.03 -36.86
CA ALA C 174 -25.99 12.45 -37.00
C ALA C 174 -27.49 12.69 -37.06
N TRP C 175 -27.95 13.78 -36.44
CA TRP C 175 -29.37 14.11 -36.54
C TRP C 175 -29.56 15.59 -36.30
N SER C 176 -30.60 16.13 -36.91
CA SER C 176 -30.94 17.54 -36.77
C SER C 176 -32.43 17.69 -37.04
N ASN C 177 -32.98 18.83 -36.62
CA ASN C 177 -34.38 19.15 -36.85
C ASN C 177 -34.57 20.13 -37.99
N LYS C 178 -33.52 20.42 -38.76
CA LYS C 178 -33.58 21.42 -39.81
C LYS C 178 -34.15 20.80 -41.08
N SER C 179 -34.97 21.58 -41.79
CA SER C 179 -35.48 21.12 -43.07
C SER C 179 -34.35 20.90 -44.06
N ASP C 180 -33.35 21.78 -44.05
CA ASP C 180 -32.22 21.67 -44.96
C ASP C 180 -31.17 20.66 -44.51
N PHE C 181 -31.51 19.74 -43.61
CA PHE C 181 -30.59 18.69 -43.18
C PHE C 181 -30.82 17.43 -44.02
N ALA C 182 -29.73 16.84 -44.50
CA ALA C 182 -29.79 15.67 -45.37
C ALA C 182 -28.54 14.81 -45.17
N CYS C 183 -28.74 13.49 -45.22
CA CYS C 183 -27.64 12.56 -44.91
C CYS C 183 -26.47 12.74 -45.86
N ALA C 184 -26.72 13.20 -47.09
CA ALA C 184 -25.64 13.47 -48.02
C ALA C 184 -24.71 14.59 -47.53
N ASN C 185 -25.22 15.48 -46.67
CA ASN C 185 -24.47 16.65 -46.21
C ASN C 185 -24.09 16.58 -44.75
N ALA C 186 -24.55 15.56 -44.01
CA ALA C 186 -24.41 15.58 -42.56
C ALA C 186 -22.96 15.54 -42.11
N PHE C 187 -22.14 14.70 -42.76
CA PHE C 187 -20.76 14.51 -42.35
C PHE C 187 -19.77 15.30 -43.19
N ASN C 188 -20.22 16.43 -43.76
CA ASN C 188 -19.33 17.23 -44.60
C ASN C 188 -18.20 17.90 -43.82
N ASN C 189 -18.25 17.93 -42.50
CA ASN C 189 -17.14 18.48 -41.73
C ASN C 189 -16.11 17.42 -41.36
N SER C 190 -16.35 16.17 -41.74
CA SER C 190 -15.42 15.07 -41.50
C SER C 190 -14.73 14.68 -42.80
N ILE C 191 -13.46 14.30 -42.69
CA ILE C 191 -12.77 13.65 -43.81
C ILE C 191 -13.32 12.22 -43.86
N ILE C 192 -14.18 11.94 -44.84
CA ILE C 192 -14.79 10.61 -44.92
C ILE C 192 -14.18 9.94 -46.14
N PRO C 193 -14.20 8.61 -46.24
CA PRO C 193 -13.60 7.97 -47.42
C PRO C 193 -14.29 8.45 -48.70
N GLU C 194 -13.49 8.57 -49.76
CA GLU C 194 -14.02 9.08 -51.02
C GLU C 194 -15.04 8.13 -51.62
N ASP C 195 -14.88 6.81 -51.37
CA ASP C 195 -15.81 5.80 -51.86
C ASP C 195 -16.96 5.53 -50.89
N THR C 196 -17.30 6.47 -50.02
CA THR C 196 -18.46 6.30 -49.17
C THR C 196 -19.73 6.15 -50.00
N PHE C 197 -20.55 5.18 -49.64
CA PHE C 197 -21.81 4.90 -50.32
C PHE C 197 -22.90 5.85 -49.82
N PHE C 198 -23.43 6.67 -50.73
CA PHE C 198 -24.59 7.54 -50.49
C PHE C 198 -25.78 6.98 -51.26
N PRO C 199 -26.56 6.06 -50.70
CA PRO C 199 -27.74 5.56 -51.41
C PRO C 199 -28.87 6.60 -51.41
N SER C 200 -29.35 6.93 -52.60
CA SER C 200 -30.44 7.92 -52.75
C SER C 200 -31.73 7.50 -52.07
N SER D 3 -21.92 -10.96 0.82
CA SER D 3 -22.11 -9.82 -0.07
C SER D 3 -20.84 -9.00 -0.15
N GLY D 4 -20.59 -8.40 -1.33
CA GLY D 4 -19.48 -7.50 -1.52
C GLY D 4 -19.76 -6.17 -0.87
N VAL D 5 -19.02 -5.16 -1.31
CA VAL D 5 -19.30 -3.80 -0.86
C VAL D 5 -20.53 -3.27 -1.59
N THR D 6 -21.50 -2.80 -0.85
CA THR D 6 -22.70 -2.20 -1.40
C THR D 6 -22.82 -0.76 -0.90
N GLN D 7 -23.43 0.09 -1.73
CA GLN D 7 -23.65 1.49 -1.42
C GLN D 7 -25.02 1.90 -1.93
N THR D 8 -25.65 2.80 -1.18
CA THR D 8 -26.94 3.41 -1.45
C THR D 8 -26.84 4.88 -1.11
N PRO D 9 -27.56 5.73 -1.84
CA PRO D 9 -28.27 5.45 -3.08
C PRO D 9 -27.27 5.36 -4.22
N LYS D 10 -27.70 4.99 -5.43
CA LYS D 10 -26.76 4.95 -6.55
C LYS D 10 -26.54 6.34 -7.12
N HIS D 11 -27.57 7.19 -7.05
CA HIS D 11 -27.58 8.51 -7.67
C HIS D 11 -28.30 9.50 -6.77
N LEU D 12 -27.71 10.69 -6.60
CA LEU D 12 -28.31 11.79 -5.87
C LEU D 12 -28.19 13.05 -6.69
N ILE D 13 -29.34 13.69 -6.96
CA ILE D 13 -29.41 15.03 -7.56
C ILE D 13 -29.95 15.97 -6.50
N THR D 14 -29.18 17.01 -6.15
CA THR D 14 -29.58 17.95 -5.11
C THR D 14 -29.14 19.35 -5.49
N ALA D 15 -29.66 20.31 -4.73
CA ALA D 15 -29.34 21.73 -4.91
C ALA D 15 -28.30 22.16 -3.90
N THR D 16 -27.57 23.22 -4.26
CA THR D 16 -26.60 23.81 -3.35
C THR D 16 -27.26 24.14 -2.01
N GLY D 17 -26.48 24.02 -0.92
CA GLY D 17 -26.98 24.30 0.41
C GLY D 17 -27.69 23.14 1.09
N GLN D 18 -28.03 22.07 0.38
CA GLN D 18 -28.70 20.95 1.02
C GLN D 18 -27.69 20.06 1.77
N ARG D 19 -28.19 19.03 2.46
CA ARG D 19 -27.36 17.98 3.06
C ARG D 19 -27.79 16.61 2.51
N VAL D 20 -26.84 15.69 2.41
CA VAL D 20 -27.16 14.32 2.03
C VAL D 20 -26.36 13.35 2.89
N THR D 21 -26.86 12.12 2.95
CA THR D 21 -26.21 11.01 3.64
C THR D 21 -25.99 9.88 2.65
N LEU D 22 -24.74 9.42 2.56
CA LEU D 22 -24.33 8.29 1.76
C LEU D 22 -24.07 7.10 2.68
N ARG D 23 -24.51 5.91 2.27
CA ARG D 23 -24.41 4.73 3.11
C ARG D 23 -23.62 3.65 2.41
N CYS D 24 -22.88 2.90 3.21
CA CYS D 24 -21.98 1.88 2.72
C CYS D 24 -22.05 0.67 3.65
N SER D 25 -22.26 -0.51 3.08
CA SER D 25 -22.06 -1.71 3.86
C SER D 25 -20.81 -2.42 3.35
N PRO D 26 -19.76 -2.53 4.17
CA PRO D 26 -18.52 -3.20 3.75
C PRO D 26 -18.74 -4.67 3.46
N ARG D 27 -17.71 -5.27 2.84
CA ARG D 27 -17.65 -6.72 2.68
C ARG D 27 -17.87 -7.38 4.03
N SER D 28 -18.65 -8.46 4.03
CA SER D 28 -18.76 -9.29 5.21
C SER D 28 -17.39 -9.77 5.65
N GLY D 29 -17.06 -9.58 6.92
CA GLY D 29 -15.76 -9.92 7.47
C GLY D 29 -14.76 -8.78 7.49
N ASP D 30 -15.07 -7.65 6.85
CA ASP D 30 -14.16 -6.50 6.80
C ASP D 30 -14.46 -5.56 7.96
N LEU D 31 -13.39 -5.08 8.62
CA LEU D 31 -13.52 -4.17 9.75
C LEU D 31 -13.14 -2.73 9.43
N SER D 32 -12.40 -2.50 8.36
CA SER D 32 -12.06 -1.16 7.88
C SER D 32 -13.06 -0.75 6.81
N VAL D 33 -13.47 0.50 6.85
CA VAL D 33 -14.23 1.12 5.79
C VAL D 33 -13.56 2.46 5.47
N TYR D 34 -13.46 2.76 4.18
CA TYR D 34 -12.78 3.94 3.65
C TYR D 34 -13.76 4.71 2.79
N TRP D 35 -13.68 6.03 2.80
CA TRP D 35 -14.42 6.81 1.83
C TRP D 35 -13.45 7.52 0.88
N TYR D 36 -13.76 7.43 -0.41
CA TYR D 36 -13.00 8.07 -1.48
C TYR D 36 -13.93 8.97 -2.30
N GLN D 37 -13.37 10.04 -2.83
CA GLN D 37 -14.09 10.97 -3.70
C GLN D 37 -13.36 11.03 -5.04
N GLN D 38 -14.08 10.78 -6.12
CA GLN D 38 -13.51 10.88 -7.47
C GLN D 38 -14.16 12.07 -8.17
N SER D 39 -13.37 13.10 -8.47
CA SER D 39 -13.85 14.24 -9.23
C SER D 39 -13.09 14.38 -10.54
N LEU D 40 -13.67 15.16 -11.47
CA LEU D 40 -13.00 15.44 -12.74
C LEU D 40 -11.74 16.25 -12.53
N ASP D 41 -11.70 17.12 -11.52
CA ASP D 41 -10.55 18.02 -11.38
C ASP D 41 -9.43 17.45 -10.53
N GLN D 42 -9.68 16.54 -9.58
CA GLN D 42 -8.55 15.96 -8.85
C GLN D 42 -8.53 14.44 -8.82
N GLY D 43 -9.38 13.77 -9.60
CA GLY D 43 -9.27 12.34 -9.66
C GLY D 43 -9.77 11.72 -8.34
N LEU D 44 -9.27 10.53 -8.09
CA LEU D 44 -9.66 9.76 -6.90
C LEU D 44 -8.86 10.21 -5.70
N GLN D 45 -9.54 10.72 -4.66
CA GLN D 45 -8.94 11.23 -3.45
C GLN D 45 -9.53 10.55 -2.22
N PHE D 46 -8.66 10.16 -1.30
CA PHE D 46 -9.01 9.49 -0.06
C PHE D 46 -9.57 10.51 0.93
N LEU D 47 -10.73 10.22 1.52
CA LEU D 47 -11.35 11.11 2.50
C LEU D 47 -11.07 10.67 3.94
N ILE D 48 -11.48 9.47 4.31
CA ILE D 48 -11.47 9.08 5.73
C ILE D 48 -11.61 7.58 5.82
N GLN D 49 -11.04 7.00 6.89
CA GLN D 49 -11.08 5.57 7.16
C GLN D 49 -11.56 5.33 8.60
N TYR D 50 -12.49 4.39 8.76
CA TYR D 50 -12.86 3.88 10.08
C TYR D 50 -12.41 2.44 10.23
N TYR D 51 -12.11 2.05 11.46
CA TYR D 51 -11.77 0.67 11.76
C TYR D 51 -12.49 0.31 13.04
N ASN D 52 -13.43 -0.64 12.92
CA ASN D 52 -14.14 -1.18 14.06
C ASN D 52 -14.78 -0.06 14.89
N GLY D 53 -15.32 0.93 14.19
CA GLY D 53 -16.11 1.97 14.82
C GLY D 53 -15.36 3.26 15.10
N GLU D 54 -14.04 3.28 14.92
CA GLU D 54 -13.18 4.40 15.29
C GLU D 54 -12.58 5.01 14.05
N GLU D 55 -12.53 6.35 14.02
CA GLU D 55 -11.84 7.05 12.96
C GLU D 55 -10.34 6.78 13.06
N ARG D 56 -9.71 6.41 11.94
CA ARG D 56 -8.33 5.95 12.05
C ARG D 56 -7.34 6.65 11.12
N ALA D 57 -7.76 7.09 9.95
CA ALA D 57 -6.89 7.86 9.07
C ALA D 57 -7.78 8.83 8.33
N LYS D 58 -7.23 10.01 8.04
CA LYS D 58 -7.97 11.15 7.51
C LYS D 58 -7.19 11.67 6.31
N GLY D 59 -7.87 11.84 5.18
CA GLY D 59 -7.31 12.55 4.06
C GLY D 59 -7.66 14.02 4.16
N ASN D 60 -7.94 14.65 3.02
CA ASN D 60 -8.24 16.08 3.03
C ASN D 60 -9.75 16.30 3.04
N ILE D 61 -10.39 15.70 4.03
CA ILE D 61 -11.83 15.82 4.18
C ILE D 61 -12.15 17.19 4.79
N LEU D 62 -13.19 17.84 4.27
CA LEU D 62 -13.64 19.15 4.72
C LEU D 62 -14.42 19.09 6.02
N GLU D 63 -14.40 20.20 6.78
CA GLU D 63 -15.16 20.30 8.03
C GLU D 63 -16.64 19.96 7.83
N ARG D 64 -17.23 20.36 6.70
CA ARG D 64 -18.65 20.13 6.49
C ARG D 64 -18.95 18.71 5.99
N PHE D 65 -17.93 17.87 5.84
CA PHE D 65 -18.09 16.44 5.66
C PHE D 65 -17.91 15.76 7.01
N SER D 66 -18.73 14.77 7.31
CA SER D 66 -18.54 13.98 8.52
C SER D 66 -19.01 12.55 8.26
N ALA D 67 -18.38 11.61 8.95
CA ALA D 67 -18.61 10.20 8.72
C ALA D 67 -18.68 9.46 10.05
N GLN D 68 -19.00 8.17 9.95
CA GLN D 68 -19.32 7.32 11.07
C GLN D 68 -19.26 5.87 10.61
N GLN D 69 -18.73 5.01 11.44
CA GLN D 69 -18.93 3.58 11.29
C GLN D 69 -19.68 3.07 12.52
N PHE D 70 -20.75 2.32 12.30
CA PHE D 70 -21.67 1.90 13.33
C PHE D 70 -21.28 0.53 13.85
N PRO D 71 -21.86 0.10 14.99
CA PRO D 71 -21.48 -1.22 15.55
C PRO D 71 -21.64 -2.36 14.55
N ASP D 72 -22.60 -2.27 13.62
CA ASP D 72 -22.75 -3.31 12.62
C ASP D 72 -21.75 -3.13 11.46
N LEU D 73 -20.85 -2.17 11.57
CA LEU D 73 -19.72 -1.85 10.68
C LEU D 73 -20.13 -1.16 9.38
N HIS D 74 -21.42 -0.96 9.11
CA HIS D 74 -21.76 -0.09 7.99
C HIS D 74 -21.34 1.34 8.32
N SER D 75 -21.17 2.14 7.27
CA SER D 75 -20.70 3.51 7.41
C SER D 75 -21.67 4.49 6.76
N GLU D 76 -21.66 5.72 7.27
CA GLU D 76 -22.45 6.81 6.73
C GLU D 76 -21.55 8.00 6.49
N LEU D 77 -21.63 8.58 5.32
CA LEU D 77 -20.91 9.81 5.01
C LEU D 77 -21.94 10.92 4.87
N ASN D 78 -21.83 11.95 5.69
CA ASN D 78 -22.77 13.05 5.63
C ASN D 78 -22.07 14.27 5.07
N LEU D 79 -22.69 14.88 4.07
CA LEU D 79 -22.18 16.09 3.45
C LEU D 79 -23.19 17.18 3.69
N SER D 80 -22.74 18.29 4.25
CA SER D 80 -23.66 19.39 4.46
C SER D 80 -23.20 20.63 3.70
N SER D 81 -24.07 21.66 3.70
CA SER D 81 -23.88 22.92 2.97
C SER D 81 -23.27 22.63 1.60
N LEU D 82 -23.96 21.79 0.84
CA LEU D 82 -23.44 21.24 -0.41
C LEU D 82 -23.10 22.38 -1.38
N GLU D 83 -22.02 22.20 -2.13
CA GLU D 83 -21.60 23.13 -3.19
C GLU D 83 -21.54 22.43 -4.53
N LEU D 84 -21.53 23.23 -5.63
CA LEU D 84 -21.34 22.65 -6.95
C LEU D 84 -20.15 21.71 -6.95
N GLY D 85 -19.07 22.11 -6.27
CA GLY D 85 -17.82 21.41 -6.32
C GLY D 85 -17.87 20.06 -5.67
N ASP D 86 -18.88 19.81 -4.81
CA ASP D 86 -19.03 18.51 -4.20
C ASP D 86 -19.60 17.47 -5.16
N SER D 87 -20.03 17.89 -6.35
CA SER D 87 -20.41 16.95 -7.38
C SER D 87 -19.24 16.01 -7.68
N ALA D 88 -19.48 14.70 -7.61
CA ALA D 88 -18.37 13.75 -7.67
C ALA D 88 -18.91 12.35 -7.59
N LEU D 89 -18.03 11.37 -7.81
CA LEU D 89 -18.33 9.98 -7.52
C LEU D 89 -17.76 9.68 -6.14
N TYR D 90 -18.61 9.15 -5.24
CA TYR D 90 -18.18 8.81 -3.89
C TYR D 90 -18.15 7.31 -3.74
N PHE D 91 -16.97 6.79 -3.44
CA PHE D 91 -16.71 5.37 -3.42
C PHE D 91 -16.47 4.94 -2.00
N CYS D 92 -17.18 3.92 -1.57
CA CYS D 92 -16.86 3.24 -0.33
C CYS D 92 -15.89 2.11 -0.66
N ALA D 93 -14.99 1.82 0.27
CA ALA D 93 -14.10 0.67 0.15
C ALA D 93 -13.98 0.02 1.52
N SER D 94 -13.65 -1.27 1.55
CA SER D 94 -13.43 -1.96 2.81
C SER D 94 -12.21 -2.86 2.71
N SER D 95 -11.68 -3.21 3.87
CA SER D 95 -10.58 -4.15 3.97
C SER D 95 -10.71 -4.92 5.27
N VAL D 96 -10.12 -6.11 5.30
CA VAL D 96 -10.14 -6.92 6.52
C VAL D 96 -9.43 -6.19 7.65
N GLU D 97 -8.22 -5.68 7.37
CA GLU D 97 -7.30 -5.24 8.42
C GLU D 97 -7.23 -3.72 8.51
N LEU D 98 -6.62 -3.27 9.61
CA LEU D 98 -6.48 -1.85 9.90
C LEU D 98 -5.59 -1.15 8.87
N ASN D 99 -4.42 -1.72 8.58
CA ASN D 99 -3.38 -1.10 7.75
C ASN D 99 -3.20 -2.00 6.52
N SER D 100 -3.93 -1.69 5.47
CA SER D 100 -3.98 -2.58 4.31
C SER D 100 -4.07 -1.79 3.02
N TYR D 101 -3.36 -2.28 2.02
CA TYR D 101 -3.53 -1.86 0.64
C TYR D 101 -4.61 -2.66 -0.09
N GLU D 102 -5.09 -3.77 0.50
CA GLU D 102 -6.11 -4.61 -0.12
C GLU D 102 -7.49 -4.03 0.18
N GLN D 103 -7.83 -2.97 -0.53
CA GLN D 103 -9.09 -2.24 -0.33
C GLN D 103 -10.01 -2.56 -1.49
N TYR D 104 -11.22 -3.03 -1.19
CA TYR D 104 -12.17 -3.44 -2.20
C TYR D 104 -13.23 -2.38 -2.30
N PHE D 105 -13.44 -1.86 -3.51
CA PHE D 105 -14.28 -0.68 -3.73
C PHE D 105 -15.72 -1.06 -3.99
N GLY D 106 -16.64 -0.26 -3.44
CA GLY D 106 -18.05 -0.36 -3.77
C GLY D 106 -18.34 0.25 -5.13
N PRO D 107 -19.60 0.14 -5.55
CA PRO D 107 -19.96 0.59 -6.91
C PRO D 107 -20.08 2.09 -7.05
N GLY D 108 -20.05 2.84 -5.96
CA GLY D 108 -20.09 4.29 -6.02
C GLY D 108 -21.49 4.84 -5.87
N THR D 109 -21.58 6.03 -5.30
CA THR D 109 -22.77 6.87 -5.36
C THR D 109 -22.42 8.11 -6.16
N ARG D 110 -23.17 8.38 -7.23
CA ARG D 110 -22.92 9.61 -7.98
C ARG D 110 -23.75 10.75 -7.41
N LEU D 111 -23.07 11.83 -7.04
CA LEU D 111 -23.74 13.02 -6.52
C LEU D 111 -23.58 14.18 -7.50
N THR D 112 -24.70 14.78 -7.89
CA THR D 112 -24.69 16.01 -8.67
C THR D 112 -25.37 17.08 -7.83
N VAL D 113 -24.66 18.17 -7.59
CA VAL D 113 -25.18 19.35 -6.90
C VAL D 113 -25.43 20.42 -7.95
N LEU D 114 -26.69 20.80 -8.14
CA LEU D 114 -27.05 21.87 -9.08
C LEU D 114 -27.39 23.15 -8.31
N GLU D 115 -27.30 24.29 -9.01
CA GLU D 115 -27.67 25.57 -8.38
C GLU D 115 -29.13 25.55 -7.93
N ASP D 116 -30.02 25.06 -8.77
CA ASP D 116 -31.39 24.79 -8.39
C ASP D 116 -31.84 23.57 -9.19
N LEU D 117 -33.06 23.11 -8.95
CA LEU D 117 -33.58 21.99 -9.71
C LEU D 117 -34.46 22.43 -10.87
N LYS D 118 -34.41 23.72 -11.22
CA LYS D 118 -35.27 24.27 -12.27
C LYS D 118 -35.15 23.51 -13.59
N ASN D 119 -33.98 22.93 -13.84
CA ASN D 119 -33.61 22.43 -15.16
C ASN D 119 -33.47 20.91 -15.22
N VAL D 120 -33.90 20.20 -14.19
CA VAL D 120 -33.93 18.74 -14.28
C VAL D 120 -35.04 18.31 -15.24
N PHE D 121 -34.76 17.31 -16.07
CA PHE D 121 -35.66 16.87 -17.14
C PHE D 121 -35.46 15.38 -17.39
N PRO D 122 -36.52 14.59 -17.49
CA PRO D 122 -36.36 13.22 -17.94
C PRO D 122 -36.08 13.19 -19.44
N PRO D 123 -35.63 12.06 -19.98
CA PRO D 123 -35.37 11.95 -21.42
C PRO D 123 -36.63 11.61 -22.21
N GLU D 124 -36.58 11.97 -23.50
CA GLU D 124 -37.46 11.42 -24.51
C GLU D 124 -36.69 10.35 -25.27
N VAL D 125 -37.32 9.21 -25.54
CA VAL D 125 -36.62 8.07 -26.12
C VAL D 125 -37.36 7.62 -27.36
N ALA D 126 -36.62 7.44 -28.46
CA ALA D 126 -37.19 7.09 -29.75
C ALA D 126 -36.28 6.06 -30.43
N VAL D 127 -36.89 5.09 -31.09
CA VAL D 127 -36.16 4.02 -31.78
C VAL D 127 -36.32 4.25 -33.27
N PHE D 128 -35.25 3.99 -34.02
CA PHE D 128 -35.23 4.20 -35.45
C PHE D 128 -34.91 2.88 -36.14
N GLU D 129 -35.77 2.52 -37.08
CA GLU D 129 -35.66 1.23 -37.75
C GLU D 129 -34.59 1.28 -38.84
N PRO D 130 -34.01 0.12 -39.15
CA PRO D 130 -32.98 0.07 -40.21
C PRO D 130 -33.50 0.62 -41.54
N SER D 131 -32.55 1.07 -42.36
CA SER D 131 -32.88 1.46 -43.71
C SER D 131 -32.93 0.24 -44.63
N GLU D 132 -33.84 0.28 -45.59
CA GLU D 132 -33.83 -0.75 -46.62
C GLU D 132 -32.50 -0.75 -47.36
N ALA D 133 -31.89 0.44 -47.51
CA ALA D 133 -30.60 0.53 -48.20
C ALA D 133 -29.53 -0.33 -47.51
N GLU D 134 -29.47 -0.30 -46.17
CA GLU D 134 -28.44 -1.05 -45.46
C GLU D 134 -28.68 -2.56 -45.50
N ILE D 135 -29.94 -3.00 -45.41
CA ILE D 135 -30.23 -4.43 -45.46
C ILE D 135 -29.83 -5.01 -46.81
N SER D 136 -30.21 -4.33 -47.89
CA SER D 136 -29.91 -4.82 -49.22
C SER D 136 -28.42 -4.72 -49.55
N HIS D 137 -27.69 -3.87 -48.84
CA HIS D 137 -26.27 -3.70 -49.11
C HIS D 137 -25.38 -4.54 -48.21
N THR D 138 -25.82 -4.87 -46.98
CA THR D 138 -24.96 -5.53 -46.02
C THR D 138 -25.55 -6.79 -45.39
N GLN D 139 -26.80 -7.15 -45.69
CA GLN D 139 -27.51 -8.24 -45.01
C GLN D 139 -27.47 -8.07 -43.48
N LYS D 140 -27.30 -6.84 -43.01
CA LYS D 140 -27.38 -6.49 -41.61
C LYS D 140 -28.35 -5.33 -41.46
N ALA D 141 -28.81 -5.14 -40.22
CA ALA D 141 -29.88 -4.19 -39.91
C ALA D 141 -29.56 -3.49 -38.60
N THR D 142 -29.40 -2.17 -38.64
CA THR D 142 -28.98 -1.39 -37.47
C THR D 142 -30.14 -0.54 -36.97
N LEU D 143 -30.53 -0.76 -35.71
CA LEU D 143 -31.49 0.11 -35.03
C LEU D 143 -30.74 1.16 -34.23
N VAL D 144 -31.24 2.39 -34.23
CA VAL D 144 -30.63 3.48 -33.48
C VAL D 144 -31.65 3.99 -32.46
N CYS D 145 -31.23 4.08 -31.20
CA CYS D 145 -32.03 4.64 -30.13
C CYS D 145 -31.47 6.01 -29.76
N LEU D 146 -32.34 7.03 -29.77
CA LEU D 146 -31.98 8.37 -29.33
C LEU D 146 -32.63 8.67 -27.98
N ALA D 147 -31.84 9.23 -27.06
CA ALA D 147 -32.36 9.80 -25.83
C ALA D 147 -32.04 11.29 -25.84
N THR D 148 -33.07 12.13 -25.74
CA THR D 148 -32.87 13.57 -25.93
C THR D 148 -33.49 14.38 -24.81
N GLY D 149 -32.92 15.56 -24.59
CA GLY D 149 -33.47 16.53 -23.67
C GLY D 149 -33.48 16.14 -22.21
N PHE D 150 -32.49 15.41 -21.74
CA PHE D 150 -32.45 15.09 -20.32
C PHE D 150 -31.39 15.92 -19.62
N TYR D 151 -31.56 16.04 -18.30
CA TYR D 151 -30.66 16.81 -17.44
C TYR D 151 -30.93 16.48 -15.99
N PRO D 152 -29.90 16.15 -15.19
CA PRO D 152 -28.48 15.95 -15.56
C PRO D 152 -28.26 14.67 -16.35
N ASP D 153 -27.02 14.20 -16.48
CA ASP D 153 -26.77 13.05 -17.36
C ASP D 153 -26.67 11.73 -16.60
N HIS D 154 -27.48 11.52 -15.56
CA HIS D 154 -27.54 10.21 -14.89
C HIS D 154 -28.54 9.32 -15.63
N VAL D 155 -28.10 8.71 -16.74
CA VAL D 155 -28.96 7.80 -17.49
C VAL D 155 -28.24 6.49 -17.75
N GLU D 156 -29.03 5.41 -17.87
CA GLU D 156 -28.51 4.10 -18.28
C GLU D 156 -29.40 3.57 -19.39
N LEU D 157 -28.81 3.38 -20.56
CA LEU D 157 -29.51 2.89 -21.74
C LEU D 157 -29.27 1.39 -21.87
N SER D 158 -30.32 0.64 -22.22
CA SER D 158 -30.14 -0.79 -22.43
C SER D 158 -31.09 -1.25 -23.53
N TRP D 159 -30.66 -2.29 -24.25
CA TRP D 159 -31.49 -2.88 -25.29
C TRP D 159 -32.07 -4.20 -24.81
N TRP D 160 -33.33 -4.45 -25.19
CA TRP D 160 -34.09 -5.61 -24.78
C TRP D 160 -34.72 -6.22 -26.01
N VAL D 161 -34.36 -7.44 -26.34
CA VAL D 161 -34.97 -8.16 -27.44
C VAL D 161 -35.78 -9.33 -26.87
N ASN D 162 -37.02 -9.47 -27.33
CA ASN D 162 -37.93 -10.52 -26.88
C ASN D 162 -37.93 -10.63 -25.35
N GLY D 163 -37.85 -9.49 -24.67
CA GLY D 163 -37.89 -9.45 -23.23
C GLY D 163 -36.59 -9.77 -22.51
N LYS D 164 -35.49 -9.95 -23.25
CA LYS D 164 -34.21 -10.32 -22.66
C LYS D 164 -33.16 -9.28 -23.01
N GLU D 165 -32.38 -8.85 -22.03
CA GLU D 165 -31.43 -7.78 -22.27
C GLU D 165 -30.24 -8.30 -23.09
N VAL D 166 -29.84 -7.50 -24.08
CA VAL D 166 -28.81 -7.93 -25.02
C VAL D 166 -27.59 -7.04 -24.87
N HIS D 167 -26.42 -7.63 -25.11
CA HIS D 167 -25.17 -6.89 -25.18
C HIS D 167 -24.40 -7.12 -26.46
N SER D 168 -24.62 -8.24 -27.15
CA SER D 168 -23.98 -8.47 -28.44
C SER D 168 -24.57 -7.55 -29.50
N GLY D 169 -23.69 -6.97 -30.30
CA GLY D 169 -24.13 -6.14 -31.40
C GLY D 169 -24.69 -4.78 -31.00
N VAL D 170 -24.33 -4.26 -29.84
CA VAL D 170 -24.79 -2.94 -29.43
C VAL D 170 -23.58 -2.06 -29.12
N CYS D 171 -23.69 -0.78 -29.48
CA CYS D 171 -22.75 0.25 -29.07
C CYS D 171 -23.53 1.48 -28.61
N THR D 172 -23.30 1.91 -27.37
CA THR D 172 -23.85 3.14 -26.80
C THR D 172 -22.74 4.18 -26.68
N ASP D 173 -23.05 5.44 -26.99
CA ASP D 173 -22.04 6.48 -26.84
C ASP D 173 -21.56 6.51 -25.39
N PRO D 174 -20.24 6.69 -25.16
CA PRO D 174 -19.76 6.72 -23.77
C PRO D 174 -20.17 7.99 -23.03
N GLN D 175 -20.32 9.11 -23.73
CA GLN D 175 -20.69 10.34 -23.07
C GLN D 175 -21.88 10.97 -23.75
N PRO D 176 -22.81 11.56 -23.00
CA PRO D 176 -23.87 12.36 -23.63
C PRO D 176 -23.27 13.57 -24.31
N LEU D 177 -23.92 14.05 -25.37
CA LEU D 177 -23.53 15.34 -25.93
C LEU D 177 -24.47 16.43 -25.45
N LYS D 178 -23.94 17.66 -25.41
CA LYS D 178 -24.75 18.82 -25.02
C LYS D 178 -25.62 19.22 -26.20
N GLU D 179 -26.93 19.30 -25.98
CA GLU D 179 -27.83 19.78 -27.03
C GLU D 179 -27.58 21.25 -27.35
N GLN D 180 -26.95 21.99 -26.44
CA GLN D 180 -26.59 23.40 -26.65
C GLN D 180 -25.26 23.64 -25.96
N PRO D 181 -24.14 23.37 -26.65
CA PRO D 181 -22.83 23.44 -25.97
C PRO D 181 -22.51 24.81 -25.41
N ALA D 182 -23.10 25.87 -25.95
CA ALA D 182 -22.78 27.23 -25.53
C ALA D 182 -23.37 27.53 -24.16
N LEU D 183 -24.42 26.83 -23.76
CA LEU D 183 -25.12 27.08 -22.51
C LEU D 183 -24.72 26.02 -21.49
N ASN D 184 -24.23 26.46 -20.33
CA ASN D 184 -24.20 25.58 -19.18
C ASN D 184 -25.62 25.36 -18.70
N ASP D 185 -25.86 24.19 -18.11
CA ASP D 185 -27.19 23.66 -17.81
C ASP D 185 -27.92 23.20 -19.07
N SER D 186 -27.25 23.15 -20.22
CA SER D 186 -27.87 22.61 -21.42
C SER D 186 -28.29 21.18 -21.18
N ARG D 187 -29.35 20.77 -21.85
CA ARG D 187 -29.74 19.37 -21.75
C ARG D 187 -28.84 18.49 -22.61
N TYR D 188 -29.00 17.19 -22.44
CA TYR D 188 -28.10 16.22 -23.05
C TYR D 188 -28.85 15.33 -24.04
N ALA D 189 -28.10 14.79 -25.00
CA ALA D 189 -28.61 13.73 -25.86
C ALA D 189 -27.64 12.56 -25.85
N LEU D 190 -28.17 11.38 -26.14
CA LEU D 190 -27.40 10.15 -26.08
C LEU D 190 -27.93 9.19 -27.14
N SER D 191 -27.04 8.59 -27.91
CA SER D 191 -27.45 7.65 -28.94
C SER D 191 -26.89 6.27 -28.67
N SER D 192 -27.63 5.26 -29.13
CA SER D 192 -27.16 3.88 -29.10
C SER D 192 -27.57 3.19 -30.41
N ARG D 193 -26.76 2.23 -30.85
CA ARG D 193 -27.10 1.36 -31.96
C ARG D 193 -27.16 -0.07 -31.48
N LEU D 194 -28.07 -0.83 -32.09
CA LEU D 194 -28.11 -2.28 -31.99
C LEU D 194 -28.19 -2.85 -33.40
N ARG D 195 -27.27 -3.75 -33.72
CA ARG D 195 -27.21 -4.35 -35.06
C ARG D 195 -27.50 -5.85 -34.99
N VAL D 196 -28.31 -6.33 -35.90
CA VAL D 196 -28.66 -7.74 -36.01
C VAL D 196 -28.55 -8.15 -37.47
N SER D 197 -28.55 -9.45 -37.71
CA SER D 197 -28.62 -9.94 -39.09
C SER D 197 -29.93 -9.47 -39.73
N ALA D 198 -29.89 -9.32 -41.06
CA ALA D 198 -31.09 -8.94 -41.81
C ALA D 198 -32.23 -9.92 -41.57
N THR D 199 -31.91 -11.21 -41.49
CA THR D 199 -32.94 -12.23 -41.29
C THR D 199 -33.55 -12.16 -39.89
N PHE D 200 -32.76 -11.78 -38.88
CA PHE D 200 -33.30 -11.67 -37.53
C PHE D 200 -34.21 -10.45 -37.39
N TRP D 201 -33.85 -9.33 -38.02
CA TRP D 201 -34.74 -8.18 -38.05
C TRP D 201 -36.01 -8.48 -38.83
N GLN D 202 -35.90 -9.36 -39.84
CA GLN D 202 -37.00 -9.60 -40.75
C GLN D 202 -38.07 -10.53 -40.17
N ASN D 203 -37.78 -11.22 -39.08
CA ASN D 203 -38.71 -12.12 -38.40
C ASN D 203 -39.69 -11.31 -37.55
N PRO D 204 -40.97 -11.21 -37.95
CA PRO D 204 -41.91 -10.35 -37.23
C PRO D 204 -42.24 -10.80 -35.81
N ARG D 205 -41.79 -11.98 -35.38
CA ARG D 205 -41.95 -12.43 -34.01
C ARG D 205 -40.89 -11.87 -33.07
N ASN D 206 -39.90 -11.13 -33.59
CA ASN D 206 -38.88 -10.51 -32.75
C ASN D 206 -39.34 -9.13 -32.29
N HIS D 207 -39.15 -8.83 -31.00
CA HIS D 207 -39.50 -7.53 -30.43
C HIS D 207 -38.25 -6.84 -29.89
N PHE D 208 -38.08 -5.56 -30.23
CA PHE D 208 -36.92 -4.76 -29.84
C PHE D 208 -37.37 -3.55 -29.03
N ARG D 209 -36.71 -3.33 -27.88
CA ARG D 209 -37.03 -2.19 -27.04
C ARG D 209 -35.77 -1.52 -26.55
N CYS D 210 -35.71 -0.21 -26.73
CA CYS D 210 -34.65 0.59 -26.15
C CYS D 210 -35.16 1.20 -24.85
N GLN D 211 -34.44 0.96 -23.75
CA GLN D 211 -34.85 1.38 -22.41
C GLN D 211 -33.83 2.33 -21.82
N VAL D 212 -34.30 3.48 -21.34
CA VAL D 212 -33.41 4.46 -20.70
C VAL D 212 -33.86 4.64 -19.25
N GLN D 213 -33.06 4.13 -18.31
CA GLN D 213 -33.28 4.43 -16.90
C GLN D 213 -32.71 5.81 -16.60
N PHE D 214 -33.55 6.73 -16.16
CA PHE D 214 -33.13 8.07 -15.82
C PHE D 214 -33.18 8.24 -14.31
N TYR D 215 -32.16 8.87 -13.75
CA TYR D 215 -32.12 9.17 -12.32
C TYR D 215 -32.34 10.65 -12.12
N GLY D 216 -33.34 11.00 -11.34
CA GLY D 216 -33.62 12.40 -11.12
C GLY D 216 -34.00 12.71 -9.69
N LEU D 217 -35.04 13.52 -9.55
CA LEU D 217 -35.54 13.92 -8.24
C LEU D 217 -36.21 12.74 -7.56
N SER D 218 -36.14 12.71 -6.25
CA SER D 218 -36.97 11.79 -5.51
C SER D 218 -38.37 12.38 -5.34
N GLU D 219 -39.34 11.51 -5.02
CA GLU D 219 -40.71 11.97 -4.84
C GLU D 219 -40.85 12.92 -3.66
N ASN D 220 -39.90 12.88 -2.72
CA ASN D 220 -39.88 13.79 -1.57
C ASN D 220 -38.96 14.97 -1.82
N ASP D 221 -39.03 15.57 -3.01
CA ASP D 221 -38.27 16.76 -3.37
C ASP D 221 -39.24 17.87 -3.76
N GLU D 222 -38.94 19.10 -3.34
CA GLU D 222 -39.82 20.22 -3.63
C GLU D 222 -39.74 20.63 -5.10
N TRP D 223 -40.91 20.94 -5.67
CA TRP D 223 -41.09 21.20 -7.09
C TRP D 223 -41.96 22.45 -7.25
N THR D 224 -41.33 23.60 -7.46
CA THR D 224 -42.05 24.87 -7.59
C THR D 224 -42.43 25.16 -9.04
N GLN D 225 -41.76 24.54 -10.01
CA GLN D 225 -41.94 24.84 -11.41
C GLN D 225 -43.36 24.52 -11.89
N ASP D 226 -43.62 24.86 -13.15
CA ASP D 226 -44.93 24.71 -13.79
C ASP D 226 -45.00 23.48 -14.70
N ARG D 227 -44.45 22.35 -14.27
CA ARG D 227 -44.41 21.16 -15.12
C ARG D 227 -44.31 19.91 -14.26
N ALA D 228 -44.47 18.76 -14.91
CA ALA D 228 -44.38 17.48 -14.22
C ALA D 228 -42.99 17.30 -13.59
N LYS D 229 -42.96 16.60 -12.45
CA LYS D 229 -41.76 16.54 -11.62
C LYS D 229 -40.79 15.48 -12.16
N PRO D 230 -39.52 15.85 -12.45
CA PRO D 230 -38.59 14.94 -13.15
C PRO D 230 -38.03 13.87 -12.22
N VAL D 231 -38.88 12.90 -11.91
CA VAL D 231 -38.54 11.85 -10.96
C VAL D 231 -37.72 10.76 -11.65
N THR D 232 -37.01 9.98 -10.84
CA THR D 232 -36.33 8.78 -11.34
C THR D 232 -37.33 7.87 -12.05
N GLN D 233 -37.11 7.62 -13.34
CA GLN D 233 -38.09 6.87 -14.11
C GLN D 233 -37.41 6.19 -15.31
N ILE D 234 -38.11 5.21 -15.86
CA ILE D 234 -37.72 4.54 -17.09
C ILE D 234 -38.51 5.13 -18.24
N VAL D 235 -37.83 5.40 -19.35
CA VAL D 235 -38.48 5.80 -20.59
C VAL D 235 -38.01 4.87 -21.70
N SER D 236 -38.95 4.32 -22.46
CA SER D 236 -38.68 3.28 -23.44
C SER D 236 -39.29 3.61 -24.80
N ALA D 237 -38.76 2.95 -25.83
CA ALA D 237 -39.37 2.94 -27.16
C ALA D 237 -39.13 1.57 -27.78
N GLU D 238 -40.08 1.14 -28.61
CA GLU D 238 -40.13 -0.23 -29.11
C GLU D 238 -40.29 -0.28 -30.63
N ALA D 239 -39.90 -1.42 -31.19
CA ALA D 239 -40.15 -1.76 -32.58
C ALA D 239 -40.26 -3.28 -32.69
N TRP D 240 -41.13 -3.75 -33.58
CA TRP D 240 -41.20 -5.16 -33.93
C TRP D 240 -40.46 -5.42 -35.23
N GLY D 241 -40.04 -6.67 -35.39
CA GLY D 241 -39.42 -7.08 -36.64
C GLY D 241 -40.39 -7.11 -37.79
N ARG D 242 -39.83 -7.08 -39.00
CA ARG D 242 -40.61 -6.86 -40.21
C ARG D 242 -40.00 -7.60 -41.41
N LEU E 1 15.66 1.41 5.63
CA LEU E 1 14.29 1.72 5.25
C LEU E 1 13.30 0.65 5.73
N LEU E 2 12.27 1.09 6.47
CA LEU E 2 11.27 0.16 6.97
C LEU E 2 10.50 -0.47 5.83
N LEU E 3 10.01 -1.68 6.05
CA LEU E 3 9.03 -2.25 5.14
C LEU E 3 7.69 -1.56 5.33
N ASP E 4 7.02 -1.15 4.25
CA ASP E 4 5.73 -0.47 4.45
C ASP E 4 4.60 -1.48 4.66
N ARG E 5 4.62 -2.60 3.94
CA ARG E 5 3.47 -3.51 3.90
C ARG E 5 3.30 -4.25 5.22
N LEU E 6 2.09 -4.21 5.74
CA LEU E 6 1.78 -4.74 7.06
C LEU E 6 0.70 -5.79 6.92
N ASN E 7 0.85 -6.87 7.69
CA ASN E 7 -0.08 -7.97 7.75
C ASN E 7 -0.31 -8.31 9.23
N GLN E 8 -1.57 -8.47 9.62
CA GLN E 8 -1.94 -8.82 10.98
C GLN E 8 -1.76 -10.31 11.25
N LEU E 9 -1.25 -10.62 12.44
CA LEU E 9 -1.21 -12.00 12.91
C LEU E 9 -2.64 -12.56 12.93
#